data_3P3I
#
_entry.id   3P3I
#
_cell.length_a   141.556
_cell.length_b   89.008
_cell.length_c   71.202
_cell.angle_alpha   90.00
_cell.angle_beta   118.10
_cell.angle_gamma   90.00
#
_symmetry.space_group_name_H-M   'C 1 2 1'
#
loop_
_entity.id
_entity.type
_entity.pdbx_description
1 polymer 'Fluoroacetyl coenzyme A thioesterase'
2 non-polymer 'fluoroacetic acid'
3 non-polymer 'COENZYME A'
4 water water
#
_entity_poly.entity_id   1
_entity_poly.type   'polypeptide(L)'
_entity_poly.pdbx_seq_one_letter_code
;GTGAMKDGMRVGERFTHDFVVPPHKTVRHLYPESPEFAEAPEVFATGFMVGLMEWACVRAMAPYLEPGEGSLGTAICVTH
TAATPPGLTVTVTAELRSVEGRRLSWRVSAHDGVDEIGSGTHERAVIHLEKFNAKVRQKTPAG
;
_entity_poly.pdbx_strand_id   A,B,C,D,E,F
#
loop_
_chem_comp.id
_chem_comp.type
_chem_comp.name
_chem_comp.formula
COA non-polymer 'COENZYME A' 'C21 H36 N7 O16 P3 S'
FAH non-polymer 'fluoroacetic acid' 'C2 H3 F O2'
#
# COMPACT_ATOMS: atom_id res chain seq x y z
N LYS A 6 -36.27 -18.46 -0.41
CA LYS A 6 -35.40 -19.62 -0.46
C LYS A 6 -34.32 -19.55 0.61
N ASP A 7 -34.59 -18.78 1.66
CA ASP A 7 -33.64 -18.63 2.77
C ASP A 7 -32.22 -18.28 2.31
N GLY A 8 -31.69 -17.20 2.86
CA GLY A 8 -30.35 -16.75 2.50
C GLY A 8 -29.24 -17.35 3.35
N MET A 9 -28.00 -17.03 3.00
CA MET A 9 -26.84 -17.53 3.71
C MET A 9 -26.56 -16.70 4.96
N ARG A 10 -26.01 -17.35 5.98
CA ARG A 10 -25.68 -16.66 7.23
C ARG A 10 -24.20 -16.33 7.34
N VAL A 11 -23.94 -15.04 7.57
CA VAL A 11 -22.57 -14.55 7.66
C VAL A 11 -21.90 -15.20 8.84
N GLY A 12 -20.64 -15.56 8.67
CA GLY A 12 -19.86 -16.11 9.77
C GLY A 12 -20.00 -17.60 9.89
N GLU A 13 -20.80 -18.19 9.01
CA GLU A 13 -20.97 -19.64 9.03
C GLU A 13 -19.77 -20.30 8.39
N ARG A 14 -19.22 -21.30 9.05
CA ARG A 14 -18.05 -22.03 8.56
C ARG A 14 -18.48 -23.28 7.79
N PHE A 15 -17.91 -23.47 6.61
CA PHE A 15 -18.16 -24.70 5.86
C PHE A 15 -16.85 -25.38 5.52
N THR A 16 -16.85 -26.71 5.55
CA THR A 16 -15.63 -27.46 5.26
C THR A 16 -15.74 -28.35 4.03
N HIS A 17 -14.68 -28.35 3.25
CA HIS A 17 -14.57 -29.17 2.06
C HIS A 17 -13.28 -29.98 2.15
N ASP A 18 -13.41 -31.31 2.19
CA ASP A 18 -12.26 -32.21 2.32
C ASP A 18 -11.94 -32.84 0.98
N PHE A 19 -10.65 -32.88 0.63
CA PHE A 19 -10.23 -33.39 -0.67
C PHE A 19 -8.89 -34.13 -0.60
N VAL A 20 -8.91 -35.43 -0.88
CA VAL A 20 -7.67 -36.21 -0.87
C VAL A 20 -6.92 -35.95 -2.15
N VAL A 21 -5.70 -35.42 -2.03
CA VAL A 21 -4.94 -35.02 -3.20
C VAL A 21 -4.38 -36.23 -3.95
N PRO A 22 -4.78 -36.38 -5.23
CA PRO A 22 -4.27 -37.47 -6.07
C PRO A 22 -2.98 -37.01 -6.76
N PRO A 23 -2.32 -37.92 -7.47
CA PRO A 23 -1.06 -37.55 -8.14
C PRO A 23 -1.27 -36.56 -9.28
N HIS A 24 -2.47 -36.51 -9.84
CA HIS A 24 -2.71 -35.72 -11.04
C HIS A 24 -3.18 -34.27 -10.79
N LYS A 25 -2.82 -33.71 -9.65
CA LYS A 25 -3.08 -32.30 -9.35
C LYS A 25 -1.80 -31.55 -9.06
N THR A 26 -0.70 -31.99 -9.67
CA THR A 26 0.56 -31.25 -9.56
C THR A 26 0.61 -30.14 -10.58
N VAL A 27 1.58 -29.27 -10.38
CA VAL A 27 2.01 -28.26 -11.34
C VAL A 27 1.91 -28.69 -12.79
N ARG A 28 2.47 -29.84 -13.10
CA ARG A 28 2.60 -30.27 -14.49
C ARG A 28 1.25 -30.70 -15.06
N HIS A 29 0.34 -31.08 -14.18
CA HIS A 29 -0.97 -31.53 -14.62
C HIS A 29 -1.88 -30.35 -14.87
N LEU A 30 -1.51 -29.20 -14.33
CA LEU A 30 -2.27 -27.99 -14.59
C LEU A 30 -2.05 -27.59 -16.04
N TYR A 31 -0.78 -27.57 -16.44
CA TYR A 31 -0.39 -27.29 -17.83
C TYR A 31 0.55 -28.37 -18.34
N PRO A 32 -0.01 -29.47 -18.84
CA PRO A 32 0.79 -30.50 -19.50
C PRO A 32 1.48 -29.92 -20.75
N GLU A 33 0.99 -28.78 -21.23
CA GLU A 33 1.57 -28.13 -22.40
C GLU A 33 2.93 -27.48 -22.10
N SER A 34 3.32 -27.45 -20.83
CA SER A 34 4.46 -26.64 -20.41
C SER A 34 5.75 -27.42 -20.22
N PRO A 35 6.69 -27.24 -21.15
CA PRO A 35 7.99 -27.91 -20.97
C PRO A 35 8.72 -27.28 -19.78
N GLU A 36 8.43 -26.02 -19.53
CA GLU A 36 9.14 -25.28 -18.51
C GLU A 36 8.73 -25.66 -17.08
N PHE A 37 7.66 -26.43 -16.95
CA PHE A 37 7.25 -26.96 -15.65
C PHE A 37 7.75 -28.37 -15.40
N ALA A 38 8.54 -28.90 -16.33
CA ALA A 38 8.93 -30.31 -16.30
C ALA A 38 9.62 -30.75 -15.01
N GLU A 39 10.30 -29.82 -14.36
CA GLU A 39 11.09 -30.14 -13.19
C GLU A 39 10.37 -29.81 -11.88
N ALA A 40 9.16 -29.29 -11.99
CA ALA A 40 8.44 -28.83 -10.81
C ALA A 40 8.22 -29.96 -9.81
N PRO A 41 8.42 -29.68 -8.51
CA PRO A 41 8.20 -30.72 -7.49
C PRO A 41 6.79 -31.29 -7.60
N GLU A 42 6.60 -32.53 -7.18
CA GLU A 42 5.30 -33.20 -7.28
C GLU A 42 4.40 -32.84 -6.12
N VAL A 43 3.91 -31.61 -6.14
CA VAL A 43 3.08 -31.11 -5.06
C VAL A 43 1.85 -30.42 -5.61
N PHE A 44 0.83 -30.32 -4.76
CA PHE A 44 -0.46 -29.72 -5.10
C PHE A 44 -0.26 -28.32 -5.66
N ALA A 45 -0.70 -28.08 -6.90
CA ALA A 45 -0.46 -26.79 -7.56
C ALA A 45 -1.31 -25.65 -7.01
N THR A 46 -0.70 -24.47 -6.91
CA THR A 46 -1.40 -23.28 -6.44
C THR A 46 -2.70 -23.06 -7.19
N GLY A 47 -2.65 -23.25 -8.52
CA GLY A 47 -3.82 -23.08 -9.37
C GLY A 47 -4.93 -24.05 -9.00
N PHE A 48 -4.54 -25.28 -8.63
CA PHE A 48 -5.51 -26.27 -8.19
C PHE A 48 -6.02 -25.93 -6.79
N MET A 49 -5.17 -25.33 -5.94
CA MET A 49 -5.64 -24.94 -4.61
C MET A 49 -6.66 -23.82 -4.74
N VAL A 50 -6.42 -22.89 -5.66
CA VAL A 50 -7.37 -21.82 -5.92
C VAL A 50 -8.71 -22.45 -6.32
N GLY A 51 -8.66 -23.38 -7.25
CA GLY A 51 -9.88 -24.07 -7.68
C GLY A 51 -10.58 -24.84 -6.58
N LEU A 52 -9.83 -25.37 -5.61
CA LEU A 52 -10.41 -26.11 -4.51
C LEU A 52 -11.14 -25.17 -3.56
N MET A 53 -10.60 -23.98 -3.40
CA MET A 53 -11.22 -22.98 -2.52
C MET A 53 -12.52 -22.46 -3.14
N GLU A 54 -12.49 -22.21 -4.44
CA GLU A 54 -13.71 -21.87 -5.17
C GLU A 54 -14.74 -22.98 -5.00
N TRP A 55 -14.28 -24.21 -5.17
CA TRP A 55 -15.13 -25.38 -5.08
C TRP A 55 -15.84 -25.42 -3.73
N ALA A 56 -15.09 -25.17 -2.68
CA ALA A 56 -15.65 -25.15 -1.33
C ALA A 56 -16.78 -24.13 -1.20
N CYS A 57 -16.56 -22.93 -1.73
CA CYS A 57 -17.57 -21.87 -1.68
C CYS A 57 -18.79 -22.18 -2.55
N VAL A 58 -18.54 -22.77 -3.71
CA VAL A 58 -19.63 -23.18 -4.60
C VAL A 58 -20.57 -24.20 -3.93
N ARG A 59 -20.02 -25.21 -3.28
CA ARG A 59 -20.83 -26.20 -2.57
C ARG A 59 -21.71 -25.54 -1.51
N ALA A 60 -21.13 -24.61 -0.77
CA ALA A 60 -21.83 -23.95 0.32
C ALA A 60 -23.02 -23.12 -0.16
N MET A 61 -22.88 -22.44 -1.30
CA MET A 61 -23.92 -21.55 -1.76
C MET A 61 -25.00 -22.25 -2.60
N ALA A 62 -24.70 -23.48 -3.02
CA ALA A 62 -25.56 -24.18 -3.98
C ALA A 62 -27.03 -24.29 -3.54
N PRO A 63 -27.28 -24.75 -2.31
CA PRO A 63 -28.69 -24.88 -1.93
C PRO A 63 -29.40 -23.52 -1.86
N TYR A 64 -28.63 -22.43 -1.81
CA TYR A 64 -29.19 -21.09 -1.63
C TYR A 64 -29.50 -20.37 -2.93
N LEU A 65 -28.97 -20.90 -4.04
CA LEU A 65 -29.17 -20.29 -5.35
C LEU A 65 -30.49 -20.73 -5.98
N GLU A 66 -31.13 -19.80 -6.69
CA GLU A 66 -32.39 -20.10 -7.36
C GLU A 66 -32.14 -20.83 -8.66
N PRO A 67 -33.18 -21.47 -9.18
CA PRO A 67 -33.09 -22.24 -10.44
C PRO A 67 -32.47 -21.41 -11.56
N GLY A 68 -31.50 -21.98 -12.25
CA GLY A 68 -30.83 -21.29 -13.33
C GLY A 68 -29.61 -20.49 -12.88
N GLU A 69 -29.43 -20.38 -11.57
CA GLU A 69 -28.35 -19.56 -11.04
C GLU A 69 -27.08 -20.35 -10.78
N GLY A 70 -25.95 -19.64 -10.91
CA GLY A 70 -24.65 -20.18 -10.57
C GLY A 70 -23.79 -19.03 -10.10
N SER A 71 -22.47 -19.23 -10.09
CA SER A 71 -21.57 -18.16 -9.70
C SER A 71 -20.21 -18.22 -10.39
N LEU A 72 -19.47 -17.22 -10.36
CA LEU A 72 -18.11 -17.12 -10.89
C LEU A 72 -17.21 -16.50 -9.85
N GLY A 73 -16.01 -16.90 -9.86
CA GLY A 73 -15.02 -16.31 -8.96
C GLY A 73 -14.52 -15.02 -9.55
N THR A 74 -14.61 -13.94 -8.79
CA THR A 74 -14.21 -12.63 -9.32
C THR A 74 -12.91 -12.09 -8.72
N ALA A 75 -12.47 -12.71 -7.62
CA ALA A 75 -11.20 -12.33 -6.99
C ALA A 75 -10.73 -13.40 -6.03
N ILE A 76 -9.42 -13.52 -5.90
CA ILE A 76 -8.83 -14.41 -4.91
C ILE A 76 -7.56 -13.76 -4.40
N CYS A 77 -7.36 -13.79 -3.09
CA CYS A 77 -6.14 -13.21 -2.52
C CYS A 77 -5.66 -14.09 -1.38
N VAL A 78 -4.77 -15.04 -1.68
CA VAL A 78 -4.33 -16.02 -0.68
C VAL A 78 -2.83 -16.30 -0.70
N THR A 79 -2.31 -16.74 0.43
CA THR A 79 -0.96 -17.28 0.52
C THR A 79 -0.98 -18.76 0.16
N HIS A 80 0.18 -19.32 -0.16
CA HIS A 80 0.35 -20.77 -0.34
C HIS A 80 1.69 -21.10 0.32
N THR A 81 1.63 -21.37 1.62
CA THR A 81 2.80 -21.31 2.50
C THR A 81 3.42 -22.66 2.86
N ALA A 82 2.83 -23.75 2.39
CA ALA A 82 3.41 -25.07 2.58
C ALA A 82 2.94 -25.99 1.45
N ALA A 83 3.78 -26.92 1.05
CA ALA A 83 3.46 -27.76 -0.09
C ALA A 83 2.92 -29.14 0.33
N THR A 84 2.04 -29.68 -0.49
CA THR A 84 1.33 -30.92 -0.15
C THR A 84 1.55 -31.98 -1.20
N PRO A 85 2.15 -33.12 -0.80
CA PRO A 85 2.28 -34.26 -1.71
C PRO A 85 0.94 -34.98 -1.87
N PRO A 86 0.81 -35.80 -2.91
CA PRO A 86 -0.39 -36.64 -3.06
C PRO A 86 -0.60 -37.50 -1.82
N GLY A 87 -1.85 -37.82 -1.51
CA GLY A 87 -2.13 -38.70 -0.38
C GLY A 87 -2.67 -38.00 0.86
N LEU A 88 -2.23 -36.77 1.10
CA LEU A 88 -2.74 -35.99 2.22
C LEU A 88 -4.13 -35.45 1.87
N THR A 89 -4.94 -35.20 2.89
CA THR A 89 -6.26 -34.62 2.68
C THR A 89 -6.19 -33.12 2.90
N VAL A 90 -6.52 -32.35 1.88
CA VAL A 90 -6.62 -30.92 2.06
C VAL A 90 -8.03 -30.58 2.50
N THR A 91 -8.13 -29.98 3.68
CA THR A 91 -9.41 -29.46 4.16
C THR A 91 -9.45 -27.96 3.93
N VAL A 92 -10.45 -27.51 3.19
CA VAL A 92 -10.71 -26.08 3.01
C VAL A 92 -11.81 -25.66 3.99
N THR A 93 -11.57 -24.57 4.71
CA THR A 93 -12.62 -23.92 5.50
C THR A 93 -13.00 -22.63 4.82
N ALA A 94 -14.29 -22.49 4.48
CA ALA A 94 -14.79 -21.26 3.90
C ALA A 94 -15.82 -20.64 4.82
N GLU A 95 -15.67 -19.35 5.09
CA GLU A 95 -16.61 -18.65 5.98
C GLU A 95 -17.12 -17.37 5.32
N LEU A 96 -18.43 -17.24 5.27
CA LEU A 96 -19.05 -16.12 4.59
C LEU A 96 -18.83 -14.83 5.38
N ARG A 97 -18.27 -13.82 4.71
CA ARG A 97 -18.04 -12.51 5.35
C ARG A 97 -19.20 -11.56 5.13
N SER A 98 -19.76 -11.59 3.92
CA SER A 98 -20.88 -10.70 3.63
C SER A 98 -21.56 -11.11 2.35
N VAL A 99 -22.80 -10.69 2.19
CA VAL A 99 -23.39 -10.66 0.87
C VAL A 99 -24.00 -9.28 0.62
N GLU A 100 -23.59 -8.66 -0.48
CA GLU A 100 -24.12 -7.36 -0.88
C GLU A 100 -24.58 -7.41 -2.33
N GLY A 101 -25.84 -7.80 -2.53
CA GLY A 101 -26.40 -7.94 -3.87
C GLY A 101 -26.06 -9.30 -4.44
N ARG A 102 -25.39 -9.32 -5.58
CA ARG A 102 -24.96 -10.56 -6.21
C ARG A 102 -23.52 -10.87 -5.84
N ARG A 103 -22.94 -10.06 -4.96
CA ARG A 103 -21.56 -10.25 -4.52
C ARG A 103 -21.50 -10.92 -3.16
N LEU A 104 -20.82 -12.06 -3.11
CA LEU A 104 -20.51 -12.71 -1.84
C LEU A 104 -19.02 -12.66 -1.55
N SER A 105 -18.67 -12.31 -0.32
CA SER A 105 -17.27 -12.28 0.07
C SER A 105 -16.97 -13.36 1.13
N TRP A 106 -15.86 -14.07 0.93
CA TRP A 106 -15.50 -15.21 1.77
C TRP A 106 -14.12 -15.03 2.38
N ARG A 107 -13.90 -15.55 3.61
CA ARG A 107 -12.54 -15.89 3.96
C ARG A 107 -12.38 -17.41 3.82
N VAL A 108 -11.17 -17.70 3.35
CA VAL A 108 -10.84 -19.09 3.08
C VAL A 108 -9.46 -19.46 3.63
N SER A 109 -9.32 -20.73 4.01
CA SER A 109 -8.04 -21.25 4.44
C SER A 109 -8.01 -22.75 4.23
N ALA A 110 -6.82 -23.32 4.24
CA ALA A 110 -6.65 -24.72 3.91
C ALA A 110 -5.49 -25.32 4.71
N HIS A 111 -5.61 -26.62 4.97
CA HIS A 111 -4.73 -27.34 5.86
C HIS A 111 -4.64 -28.73 5.23
N ASP A 112 -3.46 -29.32 5.18
CA ASP A 112 -3.35 -30.67 4.60
C ASP A 112 -3.25 -31.77 5.65
N GLY A 113 -3.73 -31.47 6.86
CA GLY A 113 -3.62 -32.40 7.96
C GLY A 113 -2.27 -32.33 8.66
N VAL A 114 -1.31 -31.67 8.04
CA VAL A 114 0.03 -31.54 8.61
C VAL A 114 0.39 -30.08 8.86
N ASP A 115 0.24 -29.25 7.83
CA ASP A 115 0.50 -27.82 7.93
C ASP A 115 -0.72 -27.06 7.46
N GLU A 116 -0.90 -25.84 7.97
CA GLU A 116 -1.76 -24.89 7.27
C GLU A 116 -1.03 -24.51 5.98
N ILE A 117 -1.73 -24.62 4.85
CA ILE A 117 -1.09 -24.42 3.55
C ILE A 117 -1.47 -23.11 2.87
N GLY A 118 -2.41 -22.36 3.46
CA GLY A 118 -2.69 -21.03 2.98
C GLY A 118 -4.02 -20.45 3.42
N SER A 119 -4.14 -19.13 3.30
CA SER A 119 -5.37 -18.47 3.67
C SER A 119 -5.48 -17.09 3.04
N GLY A 120 -6.67 -16.50 3.11
CA GLY A 120 -6.92 -15.22 2.48
C GLY A 120 -8.39 -15.09 2.16
N THR A 121 -8.70 -14.35 1.10
CA THR A 121 -10.08 -14.03 0.76
C THR A 121 -10.43 -14.43 -0.66
N HIS A 122 -11.74 -14.56 -0.90
CA HIS A 122 -12.26 -14.92 -2.21
C HIS A 122 -13.64 -14.29 -2.38
N GLU A 123 -13.84 -13.67 -3.54
CA GLU A 123 -15.12 -13.05 -3.86
C GLU A 123 -15.78 -13.72 -5.05
N ARG A 124 -17.10 -13.86 -4.99
CA ARG A 124 -17.84 -14.50 -6.08
C ARG A 124 -19.04 -13.66 -6.50
N ALA A 125 -19.51 -13.87 -7.73
CA ALA A 125 -20.67 -13.17 -8.23
C ALA A 125 -21.73 -14.18 -8.65
N VAL A 126 -22.93 -14.03 -8.11
CA VAL A 126 -24.05 -14.87 -8.51
C VAL A 126 -24.51 -14.43 -9.88
N ILE A 127 -24.69 -15.39 -10.77
CA ILE A 127 -25.14 -15.10 -12.12
C ILE A 127 -26.28 -16.03 -12.51
N HIS A 128 -27.06 -15.61 -13.49
CA HIS A 128 -27.99 -16.50 -14.16
C HIS A 128 -27.21 -17.16 -15.30
N LEU A 129 -27.00 -18.46 -15.18
CA LEU A 129 -26.12 -19.20 -16.09
C LEU A 129 -26.36 -18.91 -17.57
N GLU A 130 -27.62 -18.97 -17.99
CA GLU A 130 -27.94 -18.86 -19.41
C GLU A 130 -27.81 -17.44 -19.93
N LYS A 131 -28.27 -16.47 -19.15
CA LYS A 131 -28.15 -15.08 -19.59
C LYS A 131 -26.70 -14.60 -19.50
N PHE A 132 -25.88 -15.29 -18.73
CA PHE A 132 -24.46 -14.97 -18.70
C PHE A 132 -23.78 -15.49 -19.96
N ASN A 133 -24.16 -16.69 -20.37
CA ASN A 133 -23.61 -17.25 -21.61
C ASN A 133 -23.92 -16.37 -22.80
N ALA A 134 -25.08 -15.72 -22.75
CA ALA A 134 -25.48 -14.78 -23.81
C ALA A 134 -24.51 -13.61 -23.89
N LYS A 135 -24.07 -13.14 -22.73
CA LYS A 135 -23.07 -12.07 -22.67
C LYS A 135 -21.71 -12.56 -23.14
N VAL A 136 -21.33 -13.77 -22.75
CA VAL A 136 -20.04 -14.34 -23.13
C VAL A 136 -19.97 -14.57 -24.63
N ARG A 137 -21.02 -15.18 -25.18
CA ARG A 137 -21.02 -15.58 -26.58
C ARG A 137 -20.77 -14.39 -27.50
N GLN A 138 -21.09 -13.20 -27.01
CA GLN A 138 -20.82 -11.96 -27.74
C GLN A 138 -19.32 -11.70 -27.86
N LYS A 139 -18.52 -12.57 -27.24
CA LYS A 139 -17.07 -12.49 -27.31
C LYS A 139 -16.48 -13.65 -28.12
N THR A 140 -17.10 -14.82 -28.02
CA THR A 140 -16.55 -16.02 -28.66
C THR A 140 -16.26 -15.80 -30.13
N MET B 9 18.55 -10.61 -11.71
CA MET B 9 17.31 -10.16 -12.31
C MET B 9 16.92 -8.77 -11.79
N ARG B 10 16.32 -7.96 -12.64
CA ARG B 10 16.09 -6.55 -12.29
C ARG B 10 14.63 -6.18 -12.11
N VAL B 11 14.37 -5.33 -11.12
CA VAL B 11 13.04 -4.79 -10.90
C VAL B 11 12.57 -3.97 -12.10
N GLY B 12 11.34 -4.21 -12.53
CA GLY B 12 10.74 -3.43 -13.58
C GLY B 12 10.81 -4.13 -14.93
N GLU B 13 11.61 -5.19 -15.00
CA GLU B 13 11.72 -5.93 -16.25
C GLU B 13 10.46 -6.77 -16.46
N ARG B 14 10.12 -7.03 -17.72
CA ARG B 14 8.84 -7.62 -18.05
C ARG B 14 8.95 -8.81 -18.99
N PHE B 15 8.06 -9.77 -18.82
CA PHE B 15 7.90 -10.85 -19.79
C PHE B 15 6.43 -11.03 -20.11
N THR B 16 6.14 -11.28 -21.37
CA THR B 16 4.78 -11.48 -21.83
C THR B 16 4.69 -12.76 -22.66
N HIS B 17 3.70 -13.60 -22.39
CA HIS B 17 3.36 -14.67 -23.33
C HIS B 17 1.87 -14.74 -23.63
N ASP B 18 1.54 -15.36 -24.75
CA ASP B 18 0.18 -15.42 -25.25
C ASP B 18 -0.31 -16.86 -25.31
N PHE B 19 -1.59 -17.06 -25.11
CA PHE B 19 -2.14 -18.40 -25.02
C PHE B 19 -3.57 -18.48 -25.55
N VAL B 20 -3.76 -19.16 -26.67
CA VAL B 20 -5.11 -19.37 -27.21
C VAL B 20 -5.85 -20.34 -26.30
N VAL B 21 -6.93 -19.88 -25.68
CA VAL B 21 -7.70 -20.71 -24.76
C VAL B 21 -8.37 -21.89 -25.47
N PRO B 22 -8.02 -23.13 -25.06
CA PRO B 22 -8.66 -24.32 -25.63
C PRO B 22 -9.92 -24.69 -24.83
N PRO B 23 -10.75 -25.59 -25.39
CA PRO B 23 -11.94 -26.06 -24.67
C PRO B 23 -11.58 -26.70 -23.32
N HIS B 24 -10.42 -27.33 -23.23
CA HIS B 24 -10.06 -28.09 -22.03
C HIS B 24 -9.44 -27.24 -20.92
N LYS B 25 -9.56 -25.92 -21.02
CA LYS B 25 -9.14 -25.03 -19.93
C LYS B 25 -10.33 -24.34 -19.28
N THR B 26 -11.51 -24.92 -19.45
CA THR B 26 -12.70 -24.35 -18.83
C THR B 26 -12.81 -24.81 -17.39
N VAL B 27 -13.68 -24.15 -16.64
CA VAL B 27 -13.87 -24.43 -15.23
C VAL B 27 -13.98 -25.92 -14.93
N ARG B 28 -14.88 -26.60 -15.65
CA ARG B 28 -15.18 -28.00 -15.32
C ARG B 28 -14.01 -28.94 -15.59
N HIS B 29 -13.02 -28.46 -16.35
CA HIS B 29 -11.81 -29.23 -16.63
C HIS B 29 -10.74 -29.11 -15.56
N LEU B 30 -10.85 -28.08 -14.72
CA LEU B 30 -9.92 -27.89 -13.62
C LEU B 30 -10.14 -29.00 -12.60
N TYR B 31 -11.41 -29.33 -12.39
CA TYR B 31 -11.80 -30.43 -11.54
C TYR B 31 -12.94 -31.24 -12.16
N PRO B 32 -12.59 -32.23 -12.98
CA PRO B 32 -13.56 -33.22 -13.47
C PRO B 32 -14.20 -33.98 -12.30
N GLU B 33 -13.55 -33.97 -11.14
CA GLU B 33 -14.06 -34.65 -9.94
C GLU B 33 -15.27 -33.95 -9.34
N SER B 34 -15.60 -32.77 -9.85
CA SER B 34 -16.64 -31.97 -9.21
C SER B 34 -17.99 -31.98 -9.92
N PRO B 35 -18.99 -32.57 -9.27
CA PRO B 35 -20.36 -32.48 -9.79
C PRO B 35 -20.82 -31.02 -9.72
N GLU B 36 -20.38 -30.33 -8.68
CA GLU B 36 -20.80 -28.96 -8.44
C GLU B 36 -20.26 -28.00 -9.51
N PHE B 37 -19.33 -28.48 -10.35
CA PHE B 37 -18.82 -27.69 -11.47
C PHE B 37 -19.40 -28.08 -12.83
N ALA B 38 -20.22 -29.13 -12.85
CA ALA B 38 -20.67 -29.70 -14.12
C ALA B 38 -21.41 -28.69 -15.01
N GLU B 39 -22.12 -27.75 -14.41
CA GLU B 39 -22.89 -26.79 -15.17
C GLU B 39 -22.26 -25.39 -15.18
N ALA B 40 -20.98 -25.32 -14.82
CA ALA B 40 -20.24 -24.06 -14.81
C ALA B 40 -20.15 -23.46 -16.20
N PRO B 41 -20.08 -22.12 -16.30
CA PRO B 41 -19.83 -21.45 -17.58
C PRO B 41 -18.64 -22.04 -18.32
N GLU B 42 -18.75 -22.13 -19.64
CA GLU B 42 -17.62 -22.61 -20.45
C GLU B 42 -16.64 -21.46 -20.70
N VAL B 43 -15.96 -21.05 -19.63
CA VAL B 43 -14.98 -19.97 -19.69
C VAL B 43 -13.68 -20.38 -19.01
N PHE B 44 -12.61 -19.67 -19.35
CA PHE B 44 -11.26 -19.90 -18.83
C PHE B 44 -11.29 -19.84 -17.31
N ALA B 45 -10.89 -20.92 -16.63
CA ALA B 45 -10.94 -20.94 -15.16
C ALA B 45 -9.91 -20.02 -14.52
N THR B 46 -10.28 -19.44 -13.37
CA THR B 46 -9.34 -18.65 -12.56
C THR B 46 -8.08 -19.45 -12.22
N GLY B 47 -8.25 -20.71 -11.81
CA GLY B 47 -7.12 -21.57 -11.51
C GLY B 47 -6.15 -21.73 -12.67
N PHE B 48 -6.69 -21.81 -13.88
CA PHE B 48 -5.87 -21.91 -15.07
C PHE B 48 -5.26 -20.54 -15.41
N MET B 49 -6.01 -19.47 -15.19
CA MET B 49 -5.45 -18.14 -15.40
C MET B 49 -4.27 -17.91 -14.48
N VAL B 50 -4.44 -18.28 -13.21
CA VAL B 50 -3.35 -18.18 -12.24
C VAL B 50 -2.15 -18.99 -12.73
N GLY B 51 -2.42 -20.21 -13.21
CA GLY B 51 -1.36 -21.07 -13.72
C GLY B 51 -0.60 -20.46 -14.89
N LEU B 52 -1.31 -19.79 -15.79
CA LEU B 52 -0.69 -19.11 -16.94
C LEU B 52 0.17 -17.92 -16.48
N MET B 53 -0.25 -17.29 -15.39
CA MET B 53 0.52 -16.19 -14.79
C MET B 53 1.80 -16.72 -14.14
N GLU B 54 1.66 -17.77 -13.34
CA GLU B 54 2.84 -18.43 -12.76
C GLU B 54 3.81 -18.81 -13.86
N TRP B 55 3.28 -19.35 -14.94
CA TRP B 55 4.08 -19.84 -16.07
C TRP B 55 4.92 -18.72 -16.65
N ALA B 56 4.31 -17.54 -16.81
CA ALA B 56 5.06 -16.37 -17.27
C ALA B 56 6.20 -16.01 -16.31
N CYS B 57 5.93 -16.00 -15.01
CA CYS B 57 6.97 -15.67 -14.03
C CYS B 57 8.09 -16.72 -14.06
N VAL B 58 7.72 -17.99 -14.04
CA VAL B 58 8.67 -19.10 -14.16
C VAL B 58 9.60 -18.98 -15.37
N ARG B 59 9.05 -18.76 -16.56
CA ARG B 59 9.88 -18.63 -17.77
C ARG B 59 10.86 -17.46 -17.63
N ALA B 60 10.39 -16.34 -17.11
CA ALA B 60 11.19 -15.12 -17.00
C ALA B 60 12.35 -15.24 -16.02
N MET B 61 12.16 -16.08 -15.00
CA MET B 61 13.18 -16.30 -13.98
C MET B 61 14.21 -17.35 -14.41
N ALA B 62 13.79 -18.27 -15.27
CA ALA B 62 14.61 -19.43 -15.59
C ALA B 62 16.09 -19.12 -15.92
N PRO B 63 16.34 -18.12 -16.79
CA PRO B 63 17.74 -17.87 -17.18
C PRO B 63 18.60 -17.40 -16.01
N TYR B 64 17.96 -16.98 -14.93
CA TYR B 64 18.68 -16.43 -13.77
C TYR B 64 18.84 -17.46 -12.65
N LEU B 65 18.28 -18.65 -12.81
CA LEU B 65 18.44 -19.68 -11.80
C LEU B 65 19.73 -20.49 -11.96
N GLU B 66 20.35 -20.82 -10.83
CA GLU B 66 21.48 -21.75 -10.83
C GLU B 66 20.97 -23.14 -11.20
N PRO B 67 21.86 -24.00 -11.73
CA PRO B 67 21.43 -25.37 -11.99
C PRO B 67 20.95 -26.01 -10.69
N GLY B 68 19.91 -26.84 -10.76
CA GLY B 68 19.38 -27.50 -9.57
C GLY B 68 18.41 -26.66 -8.75
N GLU B 69 18.17 -25.44 -9.21
CA GLU B 69 17.24 -24.54 -8.54
C GLU B 69 15.90 -24.49 -9.27
N GLY B 70 14.87 -24.06 -8.56
CA GLY B 70 13.54 -23.92 -9.12
C GLY B 70 12.76 -22.92 -8.30
N SER B 71 11.44 -22.90 -8.44
CA SER B 71 10.63 -22.01 -7.62
C SER B 71 9.22 -22.54 -7.31
N LEU B 72 8.53 -22.07 -6.36
CA LEU B 72 7.17 -22.38 -5.95
C LEU B 72 6.40 -21.08 -5.83
N GLY B 73 5.10 -21.12 -6.12
CA GLY B 73 4.23 -19.98 -5.88
C GLY B 73 3.84 -19.92 -4.41
N THR B 74 4.07 -18.78 -3.78
CA THR B 74 3.81 -18.63 -2.34
C THR B 74 2.68 -17.65 -2.02
N ALA B 75 2.22 -16.92 -3.03
CA ALA B 75 1.13 -15.98 -2.87
C ALA B 75 0.52 -15.58 -4.21
N ILE B 76 -0.80 -15.43 -4.25
CA ILE B 76 -1.48 -14.97 -5.47
C ILE B 76 -2.66 -14.09 -5.08
N CYS B 77 -2.69 -12.88 -5.63
CA CYS B 77 -3.74 -11.94 -5.28
C CYS B 77 -4.19 -11.28 -6.55
N VAL B 78 -5.30 -11.74 -7.11
CA VAL B 78 -5.73 -11.27 -8.42
C VAL B 78 -7.21 -11.03 -8.51
N THR B 79 -7.60 -10.21 -9.48
CA THR B 79 -9.00 -10.09 -9.82
C THR B 79 -9.18 -10.90 -11.08
N HIS B 80 -10.39 -11.33 -11.33
CA HIS B 80 -10.75 -12.01 -12.56
C HIS B 80 -12.11 -11.43 -12.95
N THR B 81 -12.07 -10.33 -13.69
CA THR B 81 -13.24 -9.45 -13.85
C THR B 81 -13.98 -9.56 -15.18
N ALA B 82 -13.47 -10.37 -16.11
CA ALA B 82 -14.18 -10.66 -17.35
C ALA B 82 -13.88 -12.09 -17.77
N ALA B 83 -14.89 -12.75 -18.34
CA ALA B 83 -14.77 -14.16 -18.69
C ALA B 83 -14.36 -14.36 -20.14
N THR B 84 -13.60 -15.43 -20.38
CA THR B 84 -13.04 -15.70 -21.71
C THR B 84 -13.46 -17.07 -22.21
N PRO B 85 -14.24 -17.10 -23.30
CA PRO B 85 -14.62 -18.38 -23.90
C PRO B 85 -13.45 -18.94 -24.67
N PRO B 86 -13.45 -20.25 -24.94
CA PRO B 86 -12.42 -20.87 -25.78
C PRO B 86 -12.22 -20.12 -27.11
N GLY B 87 -10.98 -20.07 -27.60
CA GLY B 87 -10.73 -19.49 -28.91
C GLY B 87 -10.14 -18.09 -28.90
N LEU B 88 -10.35 -17.35 -27.82
CA LEU B 88 -9.69 -16.06 -27.63
C LEU B 88 -8.25 -16.24 -27.19
N THR B 89 -7.40 -15.26 -27.50
CA THR B 89 -6.00 -15.27 -27.09
C THR B 89 -5.84 -14.51 -25.78
N VAL B 90 -5.43 -15.21 -24.73
CA VAL B 90 -5.09 -14.53 -23.47
C VAL B 90 -3.62 -14.12 -23.46
N THR B 91 -3.38 -12.83 -23.35
CA THR B 91 -2.03 -12.30 -23.23
C THR B 91 -1.76 -12.00 -21.76
N VAL B 92 -0.68 -12.57 -21.23
CA VAL B 92 -0.27 -12.32 -19.86
C VAL B 92 1.09 -11.62 -19.77
N THR B 93 1.16 -10.57 -18.97
CA THR B 93 2.41 -9.87 -18.69
C THR B 93 2.78 -9.96 -17.22
N ALA B 94 4.05 -10.25 -16.95
CA ALA B 94 4.57 -10.32 -15.59
C ALA B 94 5.71 -9.33 -15.42
N GLU B 95 5.58 -8.43 -14.45
CA GLU B 95 6.60 -7.43 -14.18
C GLU B 95 7.19 -7.59 -12.79
N LEU B 96 8.51 -7.69 -12.70
CA LEU B 96 9.16 -7.84 -11.40
C LEU B 96 8.93 -6.58 -10.59
N ARG B 97 8.33 -6.70 -9.41
CA ARG B 97 8.09 -5.53 -8.56
C ARG B 97 9.08 -5.42 -7.41
N SER B 98 9.55 -6.56 -6.92
CA SER B 98 10.52 -6.54 -5.83
C SER B 98 11.18 -7.90 -5.60
N VAL B 99 12.34 -7.87 -4.97
CA VAL B 99 13.06 -9.07 -4.58
C VAL B 99 13.58 -8.88 -3.16
N GLU B 100 13.44 -9.91 -2.34
CA GLU B 100 14.04 -9.91 -1.02
C GLU B 100 14.22 -11.35 -0.58
N GLY B 101 15.39 -11.68 -0.05
CA GLY B 101 15.72 -13.04 0.30
C GLY B 101 15.63 -13.94 -0.92
N ARG B 102 14.87 -15.02 -0.81
CA ARG B 102 14.66 -15.92 -1.93
C ARG B 102 13.26 -15.73 -2.49
N ARG B 103 12.74 -14.52 -2.32
CA ARG B 103 11.38 -14.21 -2.77
C ARG B 103 11.30 -13.08 -3.79
N LEU B 104 10.55 -13.33 -4.85
CA LEU B 104 10.31 -12.34 -5.89
C LEU B 104 8.82 -12.12 -6.01
N SER B 105 8.42 -10.86 -6.07
CA SER B 105 7.03 -10.53 -6.28
C SER B 105 6.85 -9.92 -7.64
N TRP B 106 5.79 -10.35 -8.33
CA TRP B 106 5.47 -9.89 -9.66
C TRP B 106 4.11 -9.22 -9.69
N ARG B 107 4.01 -8.19 -10.52
CA ARG B 107 2.72 -7.64 -10.90
C ARG B 107 2.33 -8.38 -12.17
N VAL B 108 1.14 -8.95 -12.16
CA VAL B 108 0.66 -9.72 -13.30
C VAL B 108 -0.66 -9.17 -13.82
N SER B 109 -0.84 -9.22 -15.13
CA SER B 109 -2.08 -8.78 -15.74
C SER B 109 -2.39 -9.63 -16.97
N ALA B 110 -3.66 -9.69 -17.33
CA ALA B 110 -4.09 -10.53 -18.44
C ALA B 110 -5.22 -9.86 -19.19
N HIS B 111 -5.22 -9.99 -20.51
CA HIS B 111 -6.31 -9.50 -21.33
C HIS B 111 -6.60 -10.54 -22.41
N ASP B 112 -7.83 -10.62 -22.88
CA ASP B 112 -8.16 -11.62 -23.88
C ASP B 112 -8.33 -11.08 -25.31
N GLY B 113 -7.79 -9.90 -25.55
CA GLY B 113 -7.94 -9.27 -26.85
C GLY B 113 -9.18 -8.39 -26.91
N VAL B 114 -10.11 -8.60 -25.98
CA VAL B 114 -11.34 -7.81 -25.92
C VAL B 114 -11.41 -7.01 -24.64
N ASP B 115 -11.27 -7.69 -23.50
CA ASP B 115 -11.32 -7.06 -22.19
C ASP B 115 -10.03 -7.36 -21.44
N GLU B 116 -9.69 -6.53 -20.47
CA GLU B 116 -8.71 -6.90 -19.45
C GLU B 116 -9.44 -7.81 -18.47
N ILE B 117 -8.94 -9.03 -18.30
CA ILE B 117 -9.70 -10.06 -17.59
C ILE B 117 -9.29 -10.19 -16.15
N GLY B 118 -8.14 -9.63 -15.82
CA GLY B 118 -7.69 -9.68 -14.44
C GLY B 118 -6.27 -9.20 -14.29
N SER B 119 -5.91 -8.91 -13.05
CA SER B 119 -4.57 -8.49 -12.73
C SER B 119 -4.36 -8.58 -11.24
N GLY B 120 -3.09 -8.48 -10.83
CA GLY B 120 -2.77 -8.42 -9.42
C GLY B 120 -1.31 -8.69 -9.17
N THR B 121 -1.05 -9.49 -8.14
CA THR B 121 0.30 -9.77 -7.70
C THR B 121 0.50 -11.24 -7.43
N HIS B 122 1.74 -11.68 -7.54
CA HIS B 122 2.11 -13.06 -7.36
C HIS B 122 3.51 -13.11 -6.75
N GLU B 123 3.68 -13.94 -5.73
CA GLU B 123 4.98 -14.11 -5.12
C GLU B 123 5.47 -15.53 -5.32
N ARG B 124 6.78 -15.68 -5.48
CA ARG B 124 7.40 -16.99 -5.60
C ARG B 124 8.65 -17.06 -4.72
N ALA B 125 9.02 -18.27 -4.33
CA ALA B 125 10.26 -18.48 -3.60
C ALA B 125 11.16 -19.43 -4.38
N VAL B 126 12.42 -19.04 -4.56
CA VAL B 126 13.40 -19.89 -5.21
C VAL B 126 13.79 -21.05 -4.29
N ILE B 127 13.85 -22.25 -4.85
CA ILE B 127 14.18 -23.43 -4.06
C ILE B 127 15.29 -24.25 -4.71
N HIS B 128 16.02 -24.98 -3.87
CA HIS B 128 16.92 -26.02 -4.35
C HIS B 128 16.07 -27.26 -4.50
N LEU B 129 15.91 -27.72 -5.75
CA LEU B 129 14.97 -28.80 -6.05
C LEU B 129 15.21 -30.02 -5.18
N GLU B 130 16.42 -30.55 -5.24
CA GLU B 130 16.72 -31.79 -4.55
C GLU B 130 16.39 -31.71 -3.07
N LYS B 131 16.90 -30.68 -2.40
CA LYS B 131 16.64 -30.49 -0.98
C LYS B 131 15.14 -30.46 -0.72
N PHE B 132 14.41 -29.71 -1.55
CA PHE B 132 12.98 -29.54 -1.32
C PHE B 132 12.22 -30.84 -1.57
N ASN B 133 12.60 -31.56 -2.62
CA ASN B 133 11.93 -32.80 -2.94
C ASN B 133 12.06 -33.81 -1.81
N ALA B 134 13.26 -33.89 -1.24
CA ALA B 134 13.51 -34.73 -0.08
C ALA B 134 12.52 -34.40 1.04
N LYS B 135 12.32 -33.11 1.29
CA LYS B 135 11.38 -32.66 2.32
C LYS B 135 9.96 -33.15 2.03
N VAL B 136 9.53 -32.97 0.78
CA VAL B 136 8.21 -33.41 0.34
C VAL B 136 7.97 -34.91 0.61
N ARG B 137 8.98 -35.72 0.28
CA ARG B 137 8.86 -37.17 0.44
C ARG B 137 8.65 -37.55 1.90
N GLN B 138 9.16 -36.71 2.80
CA GLN B 138 9.06 -36.97 4.23
C GLN B 138 7.72 -36.50 4.79
N LYS B 139 6.91 -35.88 3.94
CA LYS B 139 5.59 -35.43 4.32
C LYS B 139 4.58 -36.36 3.68
N THR B 140 5.07 -37.24 2.82
CA THR B 140 4.21 -38.17 2.08
C THR B 140 3.86 -39.38 2.93
N PRO B 141 2.58 -39.77 2.93
CA PRO B 141 2.08 -40.92 3.70
C PRO B 141 2.90 -42.19 3.42
N VAL C 11 -5.11 1.16 -10.98
CA VAL C 11 -5.14 -0.25 -10.60
C VAL C 11 -3.77 -0.87 -10.77
N GLY C 12 -3.31 -1.58 -9.74
CA GLY C 12 -1.97 -2.11 -9.74
C GLY C 12 -1.01 -1.03 -9.27
N GLU C 13 -1.53 0.17 -9.13
CA GLU C 13 -0.75 1.33 -8.68
C GLU C 13 -0.39 1.21 -7.20
N ARG C 14 0.91 1.06 -6.92
CA ARG C 14 1.40 1.05 -5.55
C ARG C 14 1.56 2.47 -4.98
N PHE C 15 1.14 2.65 -3.73
CA PHE C 15 1.42 3.87 -3.01
C PHE C 15 2.01 3.56 -1.64
N THR C 16 2.96 4.37 -1.21
CA THR C 16 3.56 4.17 0.10
C THR C 16 3.20 5.28 1.08
N HIS C 17 3.06 4.90 2.34
CA HIS C 17 2.70 5.83 3.39
C HIS C 17 3.59 5.55 4.59
N ASP C 18 4.49 6.47 4.90
CA ASP C 18 5.46 6.26 5.98
C ASP C 18 5.03 6.97 7.26
N PHE C 19 5.26 6.31 8.39
CA PHE C 19 4.79 6.80 9.68
C PHE C 19 5.69 6.33 10.82
N VAL C 20 6.42 7.26 11.43
CA VAL C 20 7.22 6.91 12.59
C VAL C 20 6.29 6.72 13.78
N VAL C 21 6.40 5.57 14.44
CA VAL C 21 5.50 5.22 15.53
C VAL C 21 5.90 5.96 16.82
N PRO C 22 4.98 6.80 17.36
CA PRO C 22 5.17 7.51 18.61
C PRO C 22 4.80 6.61 19.80
N PRO C 23 5.14 7.03 21.02
CA PRO C 23 4.85 6.20 22.20
C PRO C 23 3.36 6.02 22.40
N HIS C 24 2.56 6.97 21.92
CA HIS C 24 1.13 6.99 22.21
C HIS C 24 0.26 6.25 21.19
N LYS C 25 0.85 5.28 20.49
CA LYS C 25 0.07 4.45 19.56
C LYS C 25 0.14 2.99 20.00
N THR C 26 0.38 2.78 21.29
CA THR C 26 0.40 1.42 21.82
C THR C 26 -1.01 0.98 22.17
N VAL C 27 -1.15 -0.31 22.44
CA VAL C 27 -2.43 -0.90 22.84
C VAL C 27 -3.18 -0.08 23.89
N ARG C 28 -2.45 0.43 24.87
CA ARG C 28 -3.08 1.13 25.99
C ARG C 28 -3.63 2.50 25.63
N HIS C 29 -3.09 3.11 24.58
CA HIS C 29 -3.56 4.42 24.14
C HIS C 29 -4.77 4.30 23.22
N LEU C 30 -4.99 3.11 22.66
CA LEU C 30 -6.19 2.87 21.88
C LEU C 30 -7.42 2.96 22.79
N TYR C 31 -7.34 2.33 23.95
CA TYR C 31 -8.39 2.39 24.94
C TYR C 31 -7.80 2.63 26.33
N PRO C 32 -7.55 3.90 26.68
CA PRO C 32 -7.07 4.20 28.04
C PRO C 32 -8.12 3.79 29.06
N GLU C 33 -9.37 3.66 28.61
CA GLU C 33 -10.48 3.22 29.46
C GLU C 33 -10.35 1.78 29.95
N SER C 34 -9.45 1.01 29.33
CA SER C 34 -9.38 -0.43 29.55
C SER C 34 -8.35 -0.84 30.59
N PRO C 35 -8.83 -1.27 31.77
CA PRO C 35 -7.93 -1.81 32.79
C PRO C 35 -7.30 -3.11 32.30
N GLU C 36 -8.05 -3.91 31.56
CA GLU C 36 -7.57 -5.21 31.14
C GLU C 36 -6.42 -5.14 30.13
N PHE C 37 -6.16 -3.95 29.61
CA PHE C 37 -5.02 -3.72 28.72
C PHE C 37 -3.79 -3.18 29.46
N ALA C 38 -3.97 -2.83 30.73
CA ALA C 38 -2.91 -2.17 31.51
C ALA C 38 -1.57 -2.89 31.43
N GLU C 39 -1.63 -4.16 31.08
CA GLU C 39 -0.51 -5.07 31.10
C GLU C 39 0.09 -5.30 29.70
N ALA C 40 -0.56 -4.76 28.67
CA ALA C 40 -0.16 -5.03 27.30
C ALA C 40 1.23 -4.45 26.96
N PRO C 41 1.99 -5.20 26.15
CA PRO C 41 3.32 -4.75 25.70
C PRO C 41 3.24 -3.37 25.06
N GLU C 42 4.33 -2.62 25.12
CA GLU C 42 4.38 -1.30 24.52
C GLU C 42 4.74 -1.40 23.03
N VAL C 43 3.77 -1.80 22.22
CA VAL C 43 3.95 -1.98 20.79
C VAL C 43 2.75 -1.45 20.01
N PHE C 44 2.97 -1.18 18.73
CA PHE C 44 1.97 -0.64 17.82
C PHE C 44 0.71 -1.50 17.83
N ALA C 45 -0.43 -0.91 18.22
CA ALA C 45 -1.68 -1.64 18.36
C ALA C 45 -2.27 -2.01 17.00
N THR C 46 -2.90 -3.18 16.94
CA THR C 46 -3.54 -3.63 15.71
C THR C 46 -4.56 -2.59 15.23
N GLY C 47 -5.34 -2.05 16.18
CA GLY C 47 -6.32 -1.02 15.86
C GLY C 47 -5.70 0.19 15.18
N PHE C 48 -4.54 0.60 15.65
CA PHE C 48 -3.82 1.71 15.04
C PHE C 48 -3.24 1.34 13.68
N MET C 49 -2.78 0.10 13.54
CA MET C 49 -2.29 -0.35 12.24
C MET C 49 -3.41 -0.35 11.23
N VAL C 50 -4.59 -0.80 11.65
CA VAL C 50 -5.75 -0.79 10.77
C VAL C 50 -6.05 0.64 10.33
N GLY C 51 -6.09 1.56 11.29
CA GLY C 51 -6.29 2.95 10.99
C GLY C 51 -5.24 3.52 10.06
N LEU C 52 -4.01 3.03 10.16
CA LEU C 52 -2.91 3.55 9.38
C LEU C 52 -3.05 3.07 7.93
N MET C 53 -3.58 1.86 7.77
CA MET C 53 -3.82 1.29 6.46
C MET C 53 -4.93 2.06 5.72
N GLU C 54 -6.01 2.37 6.44
CA GLU C 54 -7.06 3.21 5.87
C GLU C 54 -6.50 4.54 5.44
N TRP C 55 -5.67 5.12 6.31
CA TRP C 55 -5.08 6.42 6.02
C TRP C 55 -4.30 6.38 4.71
N ALA C 56 -3.47 5.36 4.52
CA ALA C 56 -2.72 5.20 3.28
C ALA C 56 -3.65 5.18 2.08
N CYS C 57 -4.68 4.35 2.13
CA CYS C 57 -5.65 4.26 1.04
C CYS C 57 -6.38 5.58 0.81
N VAL C 58 -6.81 6.22 1.88
CA VAL C 58 -7.47 7.52 1.79
C VAL C 58 -6.65 8.54 0.99
N ARG C 59 -5.35 8.63 1.29
CA ARG C 59 -4.45 9.50 0.54
C ARG C 59 -4.39 9.08 -0.93
N ALA C 60 -4.33 7.77 -1.17
CA ALA C 60 -4.19 7.25 -2.52
C ALA C 60 -5.38 7.55 -3.41
N MET C 61 -6.57 7.61 -2.84
CA MET C 61 -7.77 7.83 -3.65
C MET C 61 -8.19 9.29 -3.74
N ALA C 62 -7.54 10.15 -2.97
CA ALA C 62 -7.86 11.57 -2.95
C ALA C 62 -7.96 12.21 -4.34
N PRO C 63 -7.08 11.81 -5.24
CA PRO C 63 -7.12 12.28 -6.63
C PRO C 63 -8.31 11.66 -7.38
N TYR C 64 -8.92 10.64 -6.79
CA TYR C 64 -10.06 9.98 -7.40
C TYR C 64 -11.36 10.39 -6.72
N LEU C 65 -11.44 11.67 -6.36
CA LEU C 65 -12.62 12.22 -5.69
C LEU C 65 -12.91 13.68 -6.06
N GLU C 66 -14.20 13.99 -6.09
CA GLU C 66 -14.70 15.31 -6.36
C GLU C 66 -15.21 15.98 -5.10
N PRO C 67 -14.80 17.23 -4.93
CA PRO C 67 -15.15 18.05 -3.77
C PRO C 67 -16.45 17.57 -3.13
N GLY C 68 -16.44 17.47 -1.81
CA GLY C 68 -17.62 17.02 -1.09
C GLY C 68 -17.67 15.50 -0.97
N GLU C 69 -16.77 14.83 -1.67
CA GLU C 69 -16.68 13.37 -1.58
C GLU C 69 -15.63 12.95 -0.56
N GLY C 70 -15.85 11.81 0.07
CA GLY C 70 -14.89 11.24 0.99
C GLY C 70 -15.04 9.73 0.85
N SER C 71 -14.62 8.99 1.86
CA SER C 71 -14.79 7.54 1.82
C SER C 71 -14.82 6.92 3.20
N LEU C 72 -15.36 5.72 3.31
CA LEU C 72 -15.41 5.01 4.58
C LEU C 72 -14.95 3.56 4.43
N GLY C 73 -14.15 3.08 5.38
CA GLY C 73 -13.68 1.70 5.34
C GLY C 73 -14.82 0.73 5.53
N THR C 74 -14.98 -0.23 4.62
CA THR C 74 -16.10 -1.18 4.72
C THR C 74 -15.68 -2.61 5.10
N ALA C 75 -14.38 -2.88 5.03
CA ALA C 75 -13.86 -4.18 5.42
C ALA C 75 -12.34 -4.11 5.51
N ILE C 76 -11.78 -4.98 6.32
CA ILE C 76 -10.33 -5.14 6.42
C ILE C 76 -10.02 -6.58 6.83
N CYS C 77 -9.06 -7.19 6.16
CA CYS C 77 -8.69 -8.56 6.47
C CYS C 77 -7.18 -8.68 6.40
N VAL C 78 -6.52 -8.51 7.54
CA VAL C 78 -5.06 -8.50 7.55
C VAL C 78 -4.48 -9.33 8.69
N THR C 79 -3.25 -9.79 8.50
CA THR C 79 -2.51 -10.41 9.59
C THR C 79 -1.78 -9.31 10.36
N HIS C 80 -1.31 -9.65 11.55
CA HIS C 80 -0.40 -8.77 12.30
C HIS C 80 0.61 -9.68 12.96
N THR C 81 1.72 -9.91 12.26
CA THR C 81 2.59 -11.06 12.51
C THR C 81 3.93 -10.72 13.19
N ALA C 82 4.14 -9.46 13.50
CA ALA C 82 5.34 -9.02 14.20
C ALA C 82 5.02 -7.69 14.85
N ALA C 83 5.62 -7.44 16.01
CA ALA C 83 5.30 -6.26 16.81
C ALA C 83 6.29 -5.13 16.57
N THR C 84 5.84 -3.91 16.76
CA THR C 84 6.65 -2.74 16.45
C THR C 84 6.73 -1.80 17.64
N PRO C 85 7.94 -1.62 18.18
CA PRO C 85 8.08 -0.65 19.27
C PRO C 85 8.07 0.76 18.71
N PRO C 86 7.82 1.75 19.57
CA PRO C 86 7.92 3.14 19.15
C PRO C 86 9.31 3.43 18.62
N GLY C 87 9.44 4.43 17.74
CA GLY C 87 10.73 4.75 17.17
C GLY C 87 10.92 4.19 15.77
N LEU C 88 10.27 3.06 15.48
CA LEU C 88 10.36 2.47 14.16
C LEU C 88 9.45 3.19 13.17
N THR C 89 9.81 3.13 11.89
CA THR C 89 9.00 3.71 10.84
C THR C 89 8.14 2.61 10.23
N VAL C 90 6.82 2.74 10.34
CA VAL C 90 5.97 1.79 9.65
C VAL C 90 5.57 2.30 8.27
N THR C 91 5.95 1.55 7.24
CA THR C 91 5.62 1.91 5.87
C THR C 91 4.45 1.05 5.39
N VAL C 92 3.33 1.70 5.08
CA VAL C 92 2.22 1.00 4.46
C VAL C 92 2.31 1.10 2.93
N THR C 93 2.17 -0.03 2.25
CA THR C 93 2.02 0.00 0.81
C THR C 93 0.60 -0.37 0.45
N ALA C 94 -0.07 0.51 -0.28
CA ALA C 94 -1.44 0.23 -0.73
C ALA C 94 -1.46 0.05 -2.24
N GLU C 95 -2.10 -1.02 -2.70
CA GLU C 95 -2.21 -1.23 -4.14
C GLU C 95 -3.66 -1.40 -4.53
N LEU C 96 -4.12 -0.62 -5.50
CA LEU C 96 -5.52 -0.71 -5.90
C LEU C 96 -5.74 -2.02 -6.70
N ARG C 97 -6.72 -2.82 -6.27
CA ARG C 97 -7.02 -4.09 -6.97
C ARG C 97 -8.15 -3.89 -7.98
N SER C 98 -9.13 -3.06 -7.61
CA SER C 98 -10.24 -2.79 -8.51
C SER C 98 -11.08 -1.63 -8.02
N VAL C 99 -11.88 -1.07 -8.92
CA VAL C 99 -12.88 -0.06 -8.55
C VAL C 99 -14.15 -0.33 -9.34
N GLU C 100 -15.21 -0.74 -8.64
CA GLU C 100 -16.51 -0.99 -9.26
C GLU C 100 -17.59 -0.21 -8.54
N GLY C 101 -18.10 0.83 -9.19
CA GLY C 101 -19.11 1.68 -8.58
C GLY C 101 -18.48 2.62 -7.57
N ARG C 102 -18.98 2.58 -6.34
CA ARG C 102 -18.40 3.38 -5.27
C ARG C 102 -17.40 2.57 -4.47
N ARG C 103 -17.14 1.34 -4.89
CA ARG C 103 -16.27 0.47 -4.10
C ARG C 103 -14.88 0.27 -4.69
N LEU C 104 -13.87 0.67 -3.92
CA LEU C 104 -12.49 0.43 -4.28
C LEU C 104 -11.89 -0.62 -3.34
N SER C 105 -11.18 -1.67 -3.83
CA SER C 105 -10.55 -2.77 -3.12
C SER C 105 -9.04 -2.65 -3.24
N TRP C 106 -8.48 -2.92 -2.15
CA TRP C 106 -7.04 -2.69 -2.04
C TRP C 106 -6.33 -3.91 -1.49
N ARG C 107 -5.09 -4.11 -1.92
CA ARG C 107 -4.23 -5.01 -1.18
C ARG C 107 -3.33 -4.12 -0.35
N VAL C 108 -3.20 -4.44 0.93
CA VAL C 108 -2.38 -3.64 1.83
C VAL C 108 -1.33 -4.47 2.56
N SER C 109 -0.18 -3.86 2.81
CA SER C 109 0.87 -4.50 3.59
C SER C 109 1.62 -3.42 4.36
N ALA C 110 2.22 -3.81 5.47
CA ALA C 110 2.98 -2.86 6.29
C ALA C 110 4.30 -3.49 6.71
N HIS C 111 5.30 -2.64 6.89
CA HIS C 111 6.65 -3.08 7.18
C HIS C 111 7.26 -2.04 8.11
N ASP C 112 7.90 -2.48 9.18
CA ASP C 112 8.48 -1.52 10.13
C ASP C 112 9.97 -1.26 9.91
N GLY C 113 10.48 -1.62 8.74
CA GLY C 113 11.89 -1.45 8.43
C GLY C 113 12.73 -2.62 8.92
N VAL C 114 12.12 -3.50 9.71
CA VAL C 114 12.81 -4.71 10.16
C VAL C 114 12.09 -5.94 9.64
N ASP C 115 10.81 -6.05 10.01
CA ASP C 115 9.93 -7.13 9.55
C ASP C 115 8.71 -6.57 8.80
N GLU C 116 8.20 -7.31 7.82
CA GLU C 116 6.85 -7.04 7.34
C GLU C 116 5.98 -7.39 8.52
N ILE C 117 5.12 -6.45 8.92
CA ILE C 117 4.34 -6.66 10.14
C ILE C 117 2.92 -7.15 9.87
N GLY C 118 2.48 -7.08 8.62
CA GLY C 118 1.15 -7.57 8.30
C GLY C 118 0.73 -7.25 6.89
N SER C 119 -0.25 -8.01 6.40
CA SER C 119 -0.78 -7.77 5.06
C SER C 119 -2.13 -8.44 4.88
N GLY C 120 -2.82 -8.06 3.81
CA GLY C 120 -4.15 -8.54 3.55
C GLY C 120 -4.86 -7.57 2.64
N THR C 121 -6.15 -7.36 2.88
CA THR C 121 -7.00 -6.59 2.00
C THR C 121 -7.82 -5.57 2.79
N HIS C 122 -8.23 -4.51 2.11
CA HIS C 122 -9.10 -3.50 2.69
C HIS C 122 -10.07 -3.04 1.61
N GLU C 123 -11.33 -2.82 1.98
CA GLU C 123 -12.32 -2.30 1.05
C GLU C 123 -12.84 -0.95 1.54
N ARG C 124 -13.01 -0.01 0.62
CA ARG C 124 -13.53 1.33 0.94
C ARG C 124 -14.68 1.73 0.03
N ALA C 125 -15.57 2.57 0.54
CA ALA C 125 -16.72 3.02 -0.22
C ALA C 125 -16.74 4.54 -0.32
N VAL C 126 -16.78 5.06 -1.55
CA VAL C 126 -16.85 6.50 -1.74
C VAL C 126 -18.22 7.01 -1.33
N ILE C 127 -18.24 8.09 -0.54
CA ILE C 127 -19.52 8.63 -0.08
C ILE C 127 -19.65 10.11 -0.39
N HIS C 128 -20.87 10.61 -0.40
CA HIS C 128 -21.09 12.05 -0.43
C HIS C 128 -21.10 12.52 1.02
N LEU C 129 -20.09 13.25 1.45
CA LEU C 129 -19.91 13.57 2.85
C LEU C 129 -21.10 14.22 3.53
N GLU C 130 -21.59 15.32 2.99
CA GLU C 130 -22.74 15.99 3.60
C GLU C 130 -23.93 15.04 3.66
N LYS C 131 -24.24 14.28 2.62
CA LYS C 131 -25.38 13.38 2.56
C LYS C 131 -25.25 12.30 3.63
N PHE C 132 -24.08 11.73 3.62
CA PHE C 132 -23.88 10.66 4.59
C PHE C 132 -24.06 11.15 6.03
N ASN C 133 -23.45 12.30 6.34
CA ASN C 133 -23.58 12.89 7.66
C ASN C 133 -25.05 13.07 8.02
N ALA C 134 -25.85 13.46 7.03
CA ALA C 134 -27.29 13.61 7.23
C ALA C 134 -27.90 12.30 7.70
N LYS C 135 -27.50 11.20 7.07
CA LYS C 135 -28.02 9.89 7.44
C LYS C 135 -27.56 9.50 8.85
N VAL C 136 -26.31 9.79 9.18
CA VAL C 136 -25.76 9.51 10.50
C VAL C 136 -26.53 10.26 11.59
N ARG C 137 -26.94 11.49 11.30
CA ARG C 137 -27.74 12.28 12.24
C ARG C 137 -29.06 11.63 12.58
N GLN C 138 -29.63 10.91 11.61
CA GLN C 138 -30.88 10.20 11.82
C GLN C 138 -30.74 9.08 12.86
N LYS C 139 -29.49 8.69 13.12
CA LYS C 139 -29.19 7.59 14.03
C LYS C 139 -28.67 8.11 15.36
N THR C 140 -28.53 9.43 15.47
CA THR C 140 -27.94 10.03 16.65
C THR C 140 -29.00 10.30 17.73
N PRO C 141 -28.77 9.78 18.94
CA PRO C 141 -29.69 9.97 20.08
C PRO C 141 -30.06 11.43 20.28
N MET D 9 -10.60 -23.48 28.33
CA MET D 9 -11.53 -22.63 27.61
C MET D 9 -12.15 -23.38 26.44
N ARG D 10 -13.47 -23.36 26.34
CA ARG D 10 -14.17 -24.22 25.38
C ARG D 10 -14.64 -23.54 24.11
N VAL D 11 -14.40 -24.21 22.98
CA VAL D 11 -14.96 -23.78 21.71
C VAL D 11 -16.48 -23.66 21.81
N GLY D 12 -17.03 -22.58 21.28
CA GLY D 12 -18.47 -22.35 21.34
C GLY D 12 -18.87 -21.39 22.46
N GLU D 13 -18.01 -21.23 23.45
CA GLU D 13 -18.34 -20.34 24.57
C GLU D 13 -18.22 -18.87 24.17
N ARG D 14 -19.11 -18.05 24.72
CA ARG D 14 -19.23 -16.67 24.29
C ARG D 14 -19.04 -15.67 25.42
N PHE D 15 -18.65 -14.46 25.05
CA PHE D 15 -18.61 -13.35 25.99
C PHE D 15 -19.05 -12.09 25.28
N THR D 16 -19.82 -11.26 25.97
CA THR D 16 -20.37 -10.05 25.38
C THR D 16 -20.09 -8.84 26.26
N HIS D 17 -19.67 -7.73 25.66
CA HIS D 17 -19.63 -6.48 26.42
C HIS D 17 -20.17 -5.29 25.64
N ASP D 18 -20.60 -4.27 26.37
CA ASP D 18 -21.32 -3.14 25.82
C ASP D 18 -20.51 -1.85 26.03
N PHE D 19 -20.58 -0.93 25.07
CA PHE D 19 -19.75 0.26 25.13
C PHE D 19 -20.48 1.42 24.48
N VAL D 20 -20.83 2.42 25.28
CA VAL D 20 -21.45 3.62 24.74
C VAL D 20 -20.36 4.44 24.07
N VAL D 21 -20.55 4.71 22.79
CA VAL D 21 -19.53 5.39 22.01
C VAL D 21 -19.48 6.86 22.41
N PRO D 22 -18.31 7.30 22.89
CA PRO D 22 -18.06 8.71 23.25
C PRO D 22 -17.57 9.48 22.02
N PRO D 23 -17.63 10.82 22.07
CA PRO D 23 -17.17 11.65 20.96
C PRO D 23 -15.70 11.42 20.63
N HIS D 24 -14.93 10.97 21.61
CA HIS D 24 -13.50 10.79 21.39
C HIS D 24 -13.10 9.45 20.77
N LYS D 25 -14.07 8.70 20.24
CA LYS D 25 -13.75 7.47 19.51
C LYS D 25 -14.13 7.57 18.03
N THR D 26 -14.23 8.80 17.52
CA THR D 26 -14.52 8.97 16.11
C THR D 26 -13.24 8.87 15.28
N VAL D 27 -13.43 8.77 13.98
CA VAL D 27 -12.32 8.67 13.04
C VAL D 27 -11.15 9.58 13.36
N ARG D 28 -11.44 10.88 13.52
CA ARG D 28 -10.37 11.88 13.68
C ARG D 28 -9.59 11.73 14.99
N HIS D 29 -10.18 11.03 15.95
CA HIS D 29 -9.52 10.82 17.23
C HIS D 29 -8.58 9.62 17.19
N LEU D 30 -8.76 8.76 16.20
CA LEU D 30 -7.87 7.62 16.01
C LEU D 30 -6.50 8.14 15.57
N TYR D 31 -6.50 9.12 14.68
CA TYR D 31 -5.28 9.77 14.23
C TYR D 31 -5.42 11.28 14.16
N PRO D 32 -5.26 11.96 15.31
CA PRO D 32 -5.25 13.42 15.31
C PRO D 32 -4.23 13.93 14.29
N GLU D 33 -3.21 13.12 14.05
CA GLU D 33 -2.07 13.49 13.20
C GLU D 33 -2.41 13.58 11.71
N SER D 34 -3.63 13.23 11.35
CA SER D 34 -4.00 13.17 9.93
C SER D 34 -4.87 14.32 9.44
N PRO D 35 -4.30 15.19 8.60
CA PRO D 35 -5.06 16.24 7.93
C PRO D 35 -6.12 15.62 7.03
N GLU D 36 -5.77 14.49 6.41
CA GLU D 36 -6.67 13.80 5.50
C GLU D 36 -7.94 13.29 6.19
N PHE D 37 -7.88 13.10 7.51
CA PHE D 37 -9.08 12.68 8.24
C PHE D 37 -9.89 13.87 8.75
N ALA D 38 -9.42 15.08 8.42
CA ALA D 38 -10.00 16.31 8.95
C ALA D 38 -11.52 16.35 8.85
N GLU D 39 -12.05 15.98 7.70
CA GLU D 39 -13.50 16.04 7.52
C GLU D 39 -14.16 14.68 7.38
N ALA D 40 -13.61 13.67 8.04
CA ALA D 40 -14.25 12.36 8.10
C ALA D 40 -15.55 12.51 8.86
N PRO D 41 -16.51 11.62 8.58
CA PRO D 41 -17.73 11.63 9.40
C PRO D 41 -17.38 11.41 10.87
N GLU D 42 -18.15 12.02 11.76
CA GLU D 42 -17.98 11.79 13.19
C GLU D 42 -18.61 10.46 13.58
N VAL D 43 -17.96 9.37 13.20
CA VAL D 43 -18.47 8.03 13.52
C VAL D 43 -17.40 7.15 14.14
N PHE D 44 -17.85 6.13 14.87
CA PHE D 44 -16.96 5.15 15.50
C PHE D 44 -15.97 4.65 14.46
N ALA D 45 -14.67 4.82 14.72
CA ALA D 45 -13.64 4.39 13.76
C ALA D 45 -13.52 2.89 13.72
N THR D 46 -13.23 2.36 12.54
CA THR D 46 -13.01 0.93 12.35
C THR D 46 -11.93 0.44 13.30
N GLY D 47 -10.84 1.19 13.43
CA GLY D 47 -9.78 0.83 14.36
C GLY D 47 -10.21 0.70 15.82
N PHE D 48 -11.13 1.56 16.25
CA PHE D 48 -11.67 1.49 17.61
C PHE D 48 -12.65 0.32 17.75
N MET D 49 -13.46 0.07 16.73
CA MET D 49 -14.33 -1.10 16.76
C MET D 49 -13.49 -2.38 16.86
N VAL D 50 -12.43 -2.44 16.08
CA VAL D 50 -11.50 -3.58 16.11
C VAL D 50 -10.90 -3.72 17.51
N GLY D 51 -10.46 -2.62 18.08
CA GLY D 51 -9.96 -2.59 19.45
C GLY D 51 -10.97 -3.08 20.48
N LEU D 52 -12.23 -2.66 20.34
CA LEU D 52 -13.30 -3.09 21.23
C LEU D 52 -13.53 -4.59 21.09
N MET D 53 -13.48 -5.10 19.86
CA MET D 53 -13.58 -6.52 19.61
C MET D 53 -12.44 -7.27 20.29
N GLU D 54 -11.21 -6.77 20.15
CA GLU D 54 -10.07 -7.42 20.79
C GLU D 54 -10.25 -7.42 22.31
N TRP D 55 -10.77 -6.33 22.82
CA TRP D 55 -11.01 -6.14 24.24
C TRP D 55 -11.91 -7.26 24.80
N ALA D 56 -13.02 -7.53 24.11
CA ALA D 56 -13.89 -8.64 24.51
C ALA D 56 -13.11 -9.95 24.59
N CYS D 57 -12.26 -10.20 23.58
CA CYS D 57 -11.54 -11.48 23.51
C CYS D 57 -10.54 -11.60 24.65
N VAL D 58 -9.81 -10.52 24.89
CA VAL D 58 -8.87 -10.44 26.02
C VAL D 58 -9.52 -10.72 27.38
N ARG D 59 -10.62 -10.05 27.68
CA ARG D 59 -11.30 -10.24 28.97
C ARG D 59 -11.73 -11.68 29.17
N ALA D 60 -12.22 -12.32 28.11
CA ALA D 60 -12.72 -13.69 28.16
C ALA D 60 -11.60 -14.70 28.38
N MET D 61 -10.44 -14.43 27.78
CA MET D 61 -9.26 -15.28 27.94
C MET D 61 -8.68 -15.19 29.34
N ALA D 62 -8.78 -14.01 29.94
CA ALA D 62 -8.02 -13.64 31.14
C ALA D 62 -7.99 -14.69 32.25
N PRO D 63 -9.15 -15.29 32.57
CA PRO D 63 -9.19 -16.25 33.67
C PRO D 63 -8.31 -17.47 33.41
N TYR D 64 -8.06 -17.76 32.14
CA TYR D 64 -7.36 -18.97 31.75
C TYR D 64 -5.86 -18.76 31.54
N LEU D 65 -5.38 -17.55 31.72
CA LEU D 65 -3.96 -17.29 31.55
C LEU D 65 -3.19 -17.48 32.85
N GLU D 66 -1.95 -17.94 32.74
CA GLU D 66 -1.09 -18.09 33.91
C GLU D 66 -0.51 -16.72 34.24
N PRO D 67 -0.11 -16.52 35.51
CA PRO D 67 0.56 -15.27 35.86
C PRO D 67 1.81 -15.05 34.99
N GLY D 68 1.96 -13.84 34.46
CA GLY D 68 3.08 -13.53 33.58
C GLY D 68 2.81 -13.83 32.12
N GLU D 69 1.59 -14.31 31.83
CA GLU D 69 1.18 -14.59 30.46
C GLU D 69 0.30 -13.46 29.92
N GLY D 70 0.35 -13.27 28.61
CA GLY D 70 -0.52 -12.30 27.96
C GLY D 70 -0.93 -12.81 26.60
N SER D 71 -1.44 -11.92 25.76
CA SER D 71 -1.75 -12.29 24.38
C SER D 71 -1.59 -11.13 23.42
N LEU D 72 -1.40 -11.45 22.14
CA LEU D 72 -1.28 -10.42 21.11
C LEU D 72 -2.11 -10.76 19.89
N GLY D 73 -2.90 -9.79 19.41
CA GLY D 73 -3.74 -10.03 18.24
C GLY D 73 -2.89 -10.28 17.00
N THR D 74 -3.13 -11.39 16.33
CA THR D 74 -2.31 -11.79 15.19
C THR D 74 -3.05 -11.75 13.84
N ALA D 75 -4.36 -11.51 13.89
CA ALA D 75 -5.17 -11.36 12.68
C ALA D 75 -6.52 -10.70 12.98
N ILE D 76 -7.01 -9.91 12.03
CA ILE D 76 -8.35 -9.34 12.14
C ILE D 76 -8.97 -9.31 10.76
N CYS D 77 -10.16 -9.89 10.63
CA CYS D 77 -10.82 -9.94 9.34
C CYS D 77 -12.30 -9.70 9.58
N VAL D 78 -12.73 -8.47 9.34
CA VAL D 78 -14.07 -8.06 9.70
C VAL D 78 -14.65 -7.17 8.62
N THR D 79 -15.97 -7.04 8.67
CA THR D 79 -16.67 -6.07 7.87
C THR D 79 -17.07 -4.93 8.80
N HIS D 80 -17.27 -3.74 8.23
CA HIS D 80 -17.82 -2.62 8.97
C HIS D 80 -18.94 -2.05 8.11
N THR D 81 -20.17 -2.48 8.40
CA THR D 81 -21.28 -2.39 7.46
C THR D 81 -22.27 -1.26 7.73
N ALA D 82 -22.16 -0.63 8.90
CA ALA D 82 -22.99 0.51 9.24
C ALA D 82 -22.19 1.43 10.15
N ALA D 83 -22.43 2.73 10.04
CA ALA D 83 -21.73 3.73 10.84
C ALA D 83 -22.48 4.06 12.14
N THR D 84 -21.72 4.38 13.19
CA THR D 84 -22.27 4.61 14.52
C THR D 84 -21.81 5.96 15.06
N PRO D 85 -22.74 6.88 15.28
CA PRO D 85 -22.40 8.16 15.90
C PRO D 85 -22.19 7.99 17.40
N PRO D 86 -21.52 8.96 18.02
CA PRO D 86 -21.42 8.95 19.49
C PRO D 86 -22.81 8.86 20.14
N GLY D 87 -22.90 8.15 21.25
CA GLY D 87 -24.14 8.12 22.02
C GLY D 87 -24.87 6.80 21.96
N LEU D 88 -24.68 6.04 20.88
CA LEU D 88 -25.29 4.73 20.77
C LEU D 88 -24.44 3.66 21.43
N THR D 89 -25.07 2.61 21.94
CA THR D 89 -24.34 1.56 22.64
C THR D 89 -23.93 0.40 21.72
N VAL D 90 -22.62 0.25 21.49
CA VAL D 90 -22.14 -0.87 20.71
C VAL D 90 -22.02 -2.11 21.60
N THR D 91 -22.69 -3.18 21.19
CA THR D 91 -22.56 -4.46 21.87
C THR D 91 -21.67 -5.38 21.04
N VAL D 92 -20.61 -5.91 21.65
CA VAL D 92 -19.75 -6.86 20.95
C VAL D 92 -19.87 -8.24 21.56
N THR D 93 -20.02 -9.26 20.71
CA THR D 93 -19.96 -10.64 21.17
C THR D 93 -18.74 -11.35 20.57
N ALA D 94 -18.04 -12.11 21.41
CA ALA D 94 -16.89 -12.88 20.96
C ALA D 94 -17.12 -14.35 21.26
N GLU D 95 -17.11 -15.18 20.21
CA GLU D 95 -17.30 -16.62 20.37
C GLU D 95 -16.04 -17.38 20.00
N LEU D 96 -15.58 -18.22 20.92
CA LEU D 96 -14.39 -19.04 20.64
C LEU D 96 -14.71 -20.04 19.54
N ARG D 97 -13.89 -20.04 18.50
CA ARG D 97 -14.14 -20.87 17.32
C ARG D 97 -13.19 -22.06 17.23
N SER D 98 -11.92 -21.83 17.53
CA SER D 98 -10.94 -22.91 17.48
C SER D 98 -9.73 -22.56 18.33
N VAL D 99 -8.94 -23.57 18.67
CA VAL D 99 -7.67 -23.37 19.36
C VAL D 99 -6.65 -24.34 18.83
N GLU D 100 -5.41 -23.88 18.71
CA GLU D 100 -4.30 -24.71 18.28
C GLU D 100 -3.00 -24.17 18.84
N GLY D 101 -2.34 -24.97 19.67
CA GLY D 101 -1.12 -24.53 20.31
C GLY D 101 -1.39 -23.34 21.20
N ARG D 102 -0.74 -22.22 20.91
CA ARG D 102 -0.98 -21.01 21.72
C ARG D 102 -1.91 -20.05 21.00
N ARG D 103 -2.47 -20.49 19.89
CA ARG D 103 -3.35 -19.64 19.09
C ARG D 103 -4.84 -19.93 19.32
N LEU D 104 -5.62 -18.86 19.32
CA LEU D 104 -7.07 -18.93 19.51
C LEU D 104 -7.75 -18.11 18.45
N SER D 105 -8.84 -18.64 17.89
CA SER D 105 -9.61 -17.93 16.90
C SER D 105 -11.02 -17.65 17.42
N TRP D 106 -11.47 -16.41 17.23
CA TRP D 106 -12.79 -15.97 17.68
C TRP D 106 -13.65 -15.51 16.51
N ARG D 107 -14.94 -15.80 16.56
CA ARG D 107 -15.89 -15.11 15.70
C ARG D 107 -16.45 -13.93 16.50
N VAL D 108 -16.30 -12.74 15.96
CA VAL D 108 -16.74 -11.52 16.64
C VAL D 108 -17.84 -10.84 15.85
N SER D 109 -18.71 -10.12 16.56
CA SER D 109 -19.81 -9.42 15.92
C SER D 109 -20.23 -8.23 16.76
N ALA D 110 -20.79 -7.22 16.11
CA ALA D 110 -21.14 -5.98 16.79
C ALA D 110 -22.41 -5.38 16.20
N HIS D 111 -23.26 -4.83 17.08
CA HIS D 111 -24.42 -4.04 16.64
C HIS D 111 -24.52 -2.82 17.55
N ASP D 112 -25.13 -1.74 17.05
CA ASP D 112 -25.23 -0.51 17.85
C ASP D 112 -26.63 -0.22 18.38
N GLY D 113 -27.45 -1.25 18.52
CA GLY D 113 -28.82 -1.09 18.99
C GLY D 113 -29.78 -0.73 17.86
N VAL D 114 -29.23 -0.25 16.75
CA VAL D 114 -30.02 0.13 15.58
C VAL D 114 -29.72 -0.79 14.40
N ASP D 115 -28.43 -0.89 14.06
CA ASP D 115 -27.94 -1.72 12.96
C ASP D 115 -26.88 -2.70 13.47
N GLU D 116 -26.76 -3.87 12.84
CA GLU D 116 -25.51 -4.62 12.97
C GLU D 116 -24.45 -3.82 12.24
N ILE D 117 -23.28 -3.64 12.86
CA ILE D 117 -22.29 -2.71 12.32
C ILE D 117 -21.09 -3.43 11.75
N GLY D 118 -20.96 -4.72 12.05
CA GLY D 118 -19.90 -5.51 11.48
C GLY D 118 -19.65 -6.80 12.23
N SER D 119 -18.90 -7.69 11.62
CA SER D 119 -18.53 -8.94 12.25
C SER D 119 -17.40 -9.58 11.47
N GLY D 120 -16.85 -10.65 12.02
CA GLY D 120 -15.76 -11.35 11.36
C GLY D 120 -15.02 -12.24 12.33
N THR D 121 -13.72 -12.35 12.13
CA THR D 121 -12.90 -13.24 12.92
C THR D 121 -11.68 -12.49 13.42
N HIS D 122 -11.22 -12.89 14.59
CA HIS D 122 -10.04 -12.31 15.20
C HIS D 122 -9.19 -13.45 15.75
N GLU D 123 -7.90 -13.43 15.48
CA GLU D 123 -7.01 -14.44 16.02
C GLU D 123 -6.00 -13.82 16.97
N ARG D 124 -5.68 -14.55 18.03
CA ARG D 124 -4.73 -14.08 19.02
C ARG D 124 -3.75 -15.19 19.38
N ALA D 125 -2.60 -14.79 19.91
CA ALA D 125 -1.58 -15.74 20.36
C ALA D 125 -1.19 -15.45 21.80
N VAL D 126 -1.22 -16.49 22.64
CA VAL D 126 -0.76 -16.39 24.01
C VAL D 126 0.75 -16.17 24.03
N ILE D 127 1.21 -15.22 24.85
CA ILE D 127 2.64 -14.92 24.94
C ILE D 127 3.13 -14.81 26.38
N HIS D 128 4.41 -15.08 26.59
CA HIS D 128 5.05 -14.87 27.88
C HIS D 128 5.64 -13.46 27.94
N LEU D 129 5.08 -12.63 28.77
CA LEU D 129 5.38 -11.21 28.70
C LEU D 129 6.88 -10.83 28.72
N GLU D 130 7.55 -11.13 29.82
CA GLU D 130 8.92 -10.65 29.99
C GLU D 130 9.79 -11.05 28.81
N LYS D 131 9.72 -12.32 28.50
CA LYS D 131 10.33 -12.95 27.34
C LYS D 131 10.05 -12.17 26.07
N PHE D 132 8.77 -11.86 25.84
CA PHE D 132 8.37 -11.12 24.65
C PHE D 132 8.97 -9.72 24.69
N ASN D 133 8.90 -9.08 25.85
CA ASN D 133 9.43 -7.74 26.04
C ASN D 133 10.96 -7.72 26.00
N ARG E 14 1.34 22.62 14.49
CA ARG E 14 2.38 21.71 14.01
C ARG E 14 1.80 20.49 13.28
N PHE E 15 2.36 20.16 12.13
CA PHE E 15 2.05 18.91 11.45
C PHE E 15 3.32 18.20 10.99
N THR E 16 3.29 16.88 10.98
CA THR E 16 4.48 16.11 10.61
C THR E 16 4.24 15.19 9.43
N HIS E 17 5.28 15.02 8.62
CA HIS E 17 5.22 14.28 7.38
C HIS E 17 6.49 13.45 7.33
N ASP E 18 6.34 12.13 7.35
CA ASP E 18 7.48 11.21 7.36
C ASP E 18 7.74 10.59 5.99
N PHE E 19 9.00 10.42 5.65
CA PHE E 19 9.38 9.93 4.33
C PHE E 19 10.67 9.10 4.35
N VAL E 20 10.54 7.80 4.10
CA VAL E 20 11.69 6.92 3.98
C VAL E 20 12.43 7.23 2.68
N VAL E 21 13.68 7.65 2.79
CA VAL E 21 14.46 8.10 1.63
C VAL E 21 14.90 6.94 0.76
N PRO E 22 14.47 6.94 -0.51
CA PRO E 22 14.79 5.91 -1.51
C PRO E 22 16.15 6.21 -2.13
N PRO E 23 16.71 5.23 -2.85
CA PRO E 23 17.98 5.45 -3.54
C PRO E 23 17.86 6.51 -4.63
N HIS E 24 16.66 6.65 -5.20
CA HIS E 24 16.48 7.49 -6.38
C HIS E 24 16.08 8.93 -6.07
N LYS E 25 16.54 9.43 -4.92
CA LYS E 25 16.32 10.83 -4.57
C LYS E 25 17.64 11.57 -4.31
N THR E 26 18.70 11.13 -4.99
CA THR E 26 19.99 11.79 -4.90
C THR E 26 20.06 12.92 -5.90
N VAL E 27 21.07 13.76 -5.70
CA VAL E 27 21.41 14.85 -6.62
C VAL E 27 21.26 14.47 -8.09
N ARG E 28 21.85 13.32 -8.45
CA ARG E 28 21.91 12.88 -9.83
C ARG E 28 20.55 12.43 -10.37
N HIS E 29 19.62 12.19 -9.45
CA HIS E 29 18.26 11.83 -9.84
C HIS E 29 17.42 13.06 -10.00
N LEU E 30 17.90 14.17 -9.47
CA LEU E 30 17.22 15.43 -9.62
C LEU E 30 17.44 15.93 -11.05
N TYR E 31 18.70 15.85 -11.50
CA TYR E 31 19.04 16.20 -12.87
C TYR E 31 19.89 15.11 -13.48
N PRO E 32 19.23 14.07 -14.01
CA PRO E 32 19.97 13.07 -14.79
C PRO E 32 20.66 13.75 -15.96
N GLU E 33 20.13 14.89 -16.39
CA GLU E 33 20.67 15.66 -17.51
C GLU E 33 22.09 16.14 -17.29
N SER E 34 22.53 16.14 -16.03
CA SER E 34 23.77 16.83 -15.65
C SER E 34 25.03 15.97 -15.58
N PRO E 35 25.96 16.17 -16.52
CA PRO E 35 27.23 15.46 -16.39
C PRO E 35 28.03 15.99 -15.20
N GLU E 36 27.75 17.24 -14.82
CA GLU E 36 28.54 17.89 -13.77
C GLU E 36 28.22 17.38 -12.37
N PHE E 37 27.12 16.64 -12.25
CA PHE E 37 26.72 16.03 -10.98
C PHE E 37 27.16 14.58 -10.89
N ALA E 38 27.77 14.08 -11.97
CA ALA E 38 28.19 12.69 -12.05
C ALA E 38 29.16 12.33 -10.92
N GLU E 39 29.63 13.34 -10.20
CA GLU E 39 30.57 13.13 -9.11
C GLU E 39 29.95 13.53 -7.78
N ALA E 40 28.63 13.42 -7.66
CA ALA E 40 27.95 13.78 -6.42
C ALA E 40 27.72 12.61 -5.44
N PRO E 41 27.88 12.88 -4.15
CA PRO E 41 27.63 11.90 -3.08
C PRO E 41 26.21 11.36 -3.15
N GLU E 42 26.03 10.08 -2.87
CA GLU E 42 24.70 9.47 -2.82
C GLU E 42 23.94 9.84 -1.56
N VAL E 43 23.50 11.09 -1.51
CA VAL E 43 22.77 11.63 -0.38
C VAL E 43 21.53 12.38 -0.86
N PHE E 44 20.55 12.52 0.04
CA PHE E 44 19.30 13.23 -0.23
C PHE E 44 19.56 14.63 -0.78
N ALA E 45 19.14 14.88 -2.00
CA ALA E 45 19.33 16.19 -2.63
C ALA E 45 18.54 17.31 -1.95
N THR E 46 19.15 18.49 -1.87
CA THR E 46 18.48 19.67 -1.34
C THR E 46 17.19 19.94 -2.10
N GLY E 47 17.20 19.71 -3.40
CA GLY E 47 16.04 19.98 -4.24
C GLY E 47 14.86 19.13 -3.85
N PHE E 48 15.15 17.88 -3.50
CA PHE E 48 14.12 16.95 -3.06
C PHE E 48 13.69 17.27 -1.62
N MET E 49 14.62 17.78 -0.81
CA MET E 49 14.25 18.17 0.56
C MET E 49 13.26 19.33 0.52
N VAL E 50 13.57 20.35 -0.29
CA VAL E 50 12.63 21.45 -0.50
C VAL E 50 11.26 20.93 -0.98
N GLY E 51 11.29 19.99 -1.93
CA GLY E 51 10.07 19.34 -2.39
C GLY E 51 9.32 18.60 -1.29
N LEU E 52 10.06 17.93 -0.40
CA LEU E 52 9.43 17.23 0.72
C LEU E 52 8.79 18.21 1.69
N MET E 53 9.44 19.35 1.88
CA MET E 53 8.93 20.40 2.76
C MET E 53 7.61 21.00 2.23
N GLU E 54 7.57 21.30 0.93
CA GLU E 54 6.32 21.78 0.31
C GLU E 54 5.21 20.76 0.48
N TRP E 55 5.56 19.50 0.28
CA TRP E 55 4.60 18.40 0.33
C TRP E 55 3.93 18.34 1.70
N ALA E 56 4.72 18.51 2.75
CA ALA E 56 4.18 18.55 4.12
C ALA E 56 3.17 19.69 4.26
N CYS E 57 3.55 20.88 3.83
CA CYS E 57 2.68 22.05 3.95
C CYS E 57 1.39 21.89 3.15
N VAL E 58 1.50 21.34 1.94
CA VAL E 58 0.35 21.07 1.11
C VAL E 58 -0.66 20.13 1.78
N ARG E 59 -0.16 19.12 2.48
CA ARG E 59 -1.03 18.17 3.19
C ARG E 59 -1.73 18.88 4.33
N ALA E 60 -0.98 19.71 5.05
CA ALA E 60 -1.49 20.42 6.21
C ALA E 60 -2.60 21.40 5.88
N MET E 61 -2.50 22.06 4.72
CA MET E 61 -3.45 23.12 4.40
C MET E 61 -4.60 22.63 3.54
N ALA E 62 -4.54 21.37 3.13
CA ALA E 62 -5.59 20.79 2.32
C ALA E 62 -7.01 20.96 2.89
N PRO E 63 -7.15 20.78 4.20
CA PRO E 63 -8.46 20.87 4.86
C PRO E 63 -8.98 22.30 4.86
N TYR E 64 -8.09 23.24 5.15
CA TYR E 64 -8.44 24.66 5.18
C TYR E 64 -8.55 25.20 3.75
N LEU E 65 -8.90 24.31 2.82
CA LEU E 65 -9.02 24.67 1.42
C LEU E 65 -10.44 24.45 0.90
N GLU E 66 -10.80 25.16 -0.16
CA GLU E 66 -12.13 25.04 -0.74
C GLU E 66 -12.10 24.23 -2.04
N PRO E 67 -13.23 24.17 -2.72
CA PRO E 67 -13.33 23.42 -3.98
C PRO E 67 -12.72 24.18 -5.15
N GLY E 68 -12.02 23.47 -6.02
CA GLY E 68 -11.39 24.08 -7.18
C GLY E 68 -10.11 24.82 -6.85
N GLU E 69 -9.79 24.94 -5.57
CA GLU E 69 -8.59 25.65 -5.16
C GLU E 69 -7.41 24.70 -5.00
N GLY E 70 -6.21 25.27 -5.10
CA GLY E 70 -4.98 24.55 -4.85
C GLY E 70 -3.99 25.54 -4.28
N SER E 71 -2.72 25.18 -4.26
CA SER E 71 -1.70 26.08 -3.73
C SER E 71 -0.40 25.95 -4.49
N LEU E 72 0.47 26.94 -4.31
CA LEU E 72 1.72 27.02 -5.05
C LEU E 72 2.81 27.48 -4.11
N GLY E 73 4.03 27.00 -4.29
CA GLY E 73 5.13 27.45 -3.48
C GLY E 73 5.61 28.79 -4.02
N THR E 74 5.85 29.75 -3.11
CA THR E 74 6.25 31.08 -3.53
C THR E 74 7.57 31.54 -2.91
N ALA E 75 8.06 30.79 -1.91
CA ALA E 75 9.35 31.08 -1.30
C ALA E 75 9.87 29.93 -0.44
N ILE E 76 11.20 29.76 -0.42
CA ILE E 76 11.82 28.75 0.42
C ILE E 76 13.13 29.29 0.98
N CYS E 77 13.24 29.28 2.31
CA CYS E 77 14.46 29.73 2.97
C CYS E 77 14.83 28.76 4.08
N VAL E 78 15.73 27.84 3.77
CA VAL E 78 16.11 26.81 4.72
C VAL E 78 17.59 26.50 4.63
N THR E 79 18.10 25.86 5.67
CA THR E 79 19.45 25.35 5.64
C THR E 79 19.38 23.87 5.31
N HIS E 80 20.51 23.30 4.97
CA HIS E 80 20.63 21.86 4.76
C HIS E 80 21.95 21.47 5.39
N THR E 81 21.88 21.09 6.67
CA THR E 81 23.05 21.02 7.55
C THR E 81 23.70 19.64 7.67
N ALA E 82 22.93 18.59 7.39
CA ALA E 82 23.48 17.23 7.43
C ALA E 82 22.97 16.38 6.27
N ALA E 83 23.78 15.43 5.82
CA ALA E 83 23.44 14.61 4.65
C ALA E 83 22.74 13.30 5.04
N THR E 84 21.83 12.85 4.18
CA THR E 84 20.97 11.72 4.47
C THR E 84 21.10 10.63 3.40
N PRO E 85 21.70 9.49 3.77
CA PRO E 85 21.83 8.36 2.85
C PRO E 85 20.49 7.67 2.68
N PRO E 86 20.33 6.85 1.63
CA PRO E 86 19.06 6.14 1.48
C PRO E 86 18.79 5.27 2.70
N GLY E 87 17.51 5.08 3.04
CA GLY E 87 17.17 4.18 4.12
C GLY E 87 16.68 4.87 5.38
N LEU E 88 17.21 6.06 5.66
CA LEU E 88 16.74 6.81 6.81
C LEU E 88 15.36 7.38 6.54
N THR E 89 14.63 7.68 7.60
CA THR E 89 13.35 8.34 7.48
C THR E 89 13.52 9.82 7.76
N VAL E 90 13.19 10.65 6.77
CA VAL E 90 13.17 12.08 7.01
C VAL E 90 11.79 12.51 7.47
N THR E 91 11.75 13.16 8.63
CA THR E 91 10.52 13.73 9.15
C THR E 91 10.53 15.24 9.02
N VAL E 92 9.54 15.78 8.33
CA VAL E 92 9.37 17.22 8.27
C VAL E 92 8.30 17.64 9.27
N THR E 93 8.63 18.64 10.09
CA THR E 93 7.64 19.27 10.93
C THR E 93 7.31 20.61 10.31
N ALA E 94 6.03 20.85 10.04
CA ALA E 94 5.60 22.09 9.46
C ALA E 94 4.71 22.84 10.44
N GLU E 95 5.12 24.03 10.83
CA GLU E 95 4.35 24.84 11.77
C GLU E 95 3.88 26.16 11.14
N LEU E 96 2.57 26.36 11.14
CA LEU E 96 1.99 27.58 10.57
C LEU E 96 2.56 28.83 11.23
N ARG E 97 3.13 29.71 10.42
CA ARG E 97 3.67 30.96 10.92
C ARG E 97 2.61 32.05 10.92
N SER E 98 1.69 32.00 9.95
CA SER E 98 0.62 32.98 9.86
C SER E 98 -0.09 32.94 8.50
N VAL E 99 -1.39 33.18 8.53
CA VAL E 99 -2.20 33.23 7.31
C VAL E 99 -3.41 34.17 7.41
N GLU E 100 -3.55 35.03 6.40
CA GLU E 100 -4.69 35.93 6.27
C GLU E 100 -5.14 36.01 4.82
N GLY E 101 -4.27 36.54 3.97
CA GLY E 101 -4.54 36.58 2.55
C GLY E 101 -4.52 35.16 2.02
N ARG E 102 -4.59 35.04 0.69
CA ARG E 102 -4.60 33.73 0.06
C ARG E 102 -3.23 33.09 0.22
N ARG E 103 -2.45 33.66 1.13
CA ARG E 103 -1.09 33.19 1.37
C ARG E 103 -0.97 32.48 2.72
N LEU E 104 0.21 31.93 2.95
CA LEU E 104 0.53 31.21 4.18
C LEU E 104 2.02 31.07 4.39
N SER E 105 2.46 31.29 5.62
CA SER E 105 3.86 31.09 5.96
C SER E 105 4.00 29.97 6.98
N TRP E 106 4.94 29.07 6.72
CA TRP E 106 5.22 28.00 7.66
C TRP E 106 6.67 28.11 8.10
N ARG E 107 7.04 27.82 9.32
CA ARG E 107 8.36 27.42 9.73
C ARG E 107 8.45 25.90 9.52
N VAL E 108 9.53 25.50 9.00
CA VAL E 108 9.74 24.09 8.71
C VAL E 108 11.06 23.60 9.26
N SER E 109 11.13 22.31 9.55
CA SER E 109 12.36 21.68 9.99
C SER E 109 12.33 20.19 9.66
N ALA E 110 13.50 19.60 9.42
CA ALA E 110 13.55 18.20 9.04
C ALA E 110 14.69 17.48 9.76
N HIS E 111 14.45 16.21 10.08
CA HIS E 111 15.48 15.37 10.69
C HIS E 111 15.32 13.94 10.19
N ASP E 112 16.43 13.24 10.03
CA ASP E 112 16.42 11.88 9.49
C ASP E 112 16.59 10.81 10.57
N GLY E 113 16.25 11.15 11.82
CA GLY E 113 16.37 10.18 12.90
C GLY E 113 17.77 10.03 13.48
N VAL E 114 18.75 10.64 12.82
CA VAL E 114 20.13 10.63 13.31
C VAL E 114 20.57 12.07 13.52
N ASP E 115 20.21 12.92 12.56
CA ASP E 115 20.57 14.33 12.59
C ASP E 115 19.37 15.17 12.22
N GLU E 116 19.29 16.38 12.77
CA GLU E 116 18.46 17.39 12.17
C GLU E 116 19.21 17.79 10.90
N ILE E 117 18.50 17.84 9.78
CA ILE E 117 19.18 18.01 8.50
C ILE E 117 18.93 19.39 7.89
N GLY E 118 18.00 20.14 8.46
CA GLY E 118 17.74 21.48 7.98
C GLY E 118 16.52 22.11 8.59
N SER E 119 16.41 23.44 8.46
CA SER E 119 15.26 24.15 8.98
C SER E 119 15.20 25.56 8.42
N GLY E 120 14.00 26.14 8.45
CA GLY E 120 13.81 27.49 7.96
C GLY E 120 12.35 27.81 7.80
N THR E 121 12.01 28.49 6.71
CA THR E 121 10.63 28.89 6.43
C THR E 121 10.17 28.48 5.03
N HIS E 122 8.87 28.58 4.78
CA HIS E 122 8.30 28.31 3.47
C HIS E 122 6.97 29.05 3.27
N GLU E 123 6.89 29.83 2.19
CA GLU E 123 5.69 30.59 1.87
C GLU E 123 4.91 29.95 0.73
N ARG E 124 3.59 29.89 0.87
CA ARG E 124 2.73 29.37 -0.18
C ARG E 124 1.61 30.34 -0.47
N ALA E 125 0.94 30.15 -1.60
CA ALA E 125 -0.17 30.99 -1.98
C ALA E 125 -1.30 30.16 -2.56
N VAL E 126 -2.52 30.37 -2.04
CA VAL E 126 -3.70 29.68 -2.53
C VAL E 126 -4.13 30.20 -3.90
N ILE E 127 -4.42 29.29 -4.81
CA ILE E 127 -4.82 29.65 -6.16
C ILE E 127 -6.15 29.00 -6.54
N HIS E 128 -6.85 29.54 -7.51
CA HIS E 128 -7.93 28.83 -8.14
C HIS E 128 -7.35 28.00 -9.27
N LEU E 129 -7.33 26.69 -9.15
CA LEU E 129 -6.61 25.87 -10.08
C LEU E 129 -6.85 26.18 -11.55
N GLU E 130 -8.10 26.22 -11.95
CA GLU E 130 -8.39 26.37 -13.36
C GLU E 130 -8.00 27.72 -13.85
N LYS E 131 -8.26 28.72 -13.05
CA LYS E 131 -7.91 30.04 -13.43
C LYS E 131 -6.41 30.17 -13.69
N PHE E 132 -5.60 29.81 -12.71
CA PHE E 132 -4.15 29.81 -12.83
C PHE E 132 -3.71 29.03 -14.06
N ASN E 133 -4.21 27.81 -14.21
CA ASN E 133 -3.87 26.99 -15.37
C ASN E 133 -4.08 27.76 -16.68
N ALA E 134 -5.10 28.62 -16.71
CA ALA E 134 -5.36 29.43 -17.88
C ALA E 134 -4.26 30.47 -18.08
N LYS E 135 -3.97 31.24 -17.04
CA LYS E 135 -2.92 32.25 -17.11
C LYS E 135 -1.61 31.61 -17.55
N VAL E 136 -1.34 30.41 -17.05
CA VAL E 136 -0.12 29.68 -17.40
C VAL E 136 -0.06 29.34 -18.90
N ARG E 137 -1.20 28.97 -19.47
CA ARG E 137 -1.25 28.65 -20.90
C ARG E 137 -0.95 29.89 -21.75
N GLN E 138 -1.33 31.06 -21.25
CA GLN E 138 -1.03 32.32 -21.93
C GLN E 138 0.47 32.60 -21.97
N LYS E 139 1.23 31.80 -21.20
CA LYS E 139 2.68 31.94 -21.12
C LYS E 139 3.36 30.78 -21.83
N THR E 140 2.56 29.83 -22.31
CA THR E 140 3.06 28.61 -22.90
C THR E 140 3.28 28.73 -24.40
N PRO E 141 4.50 28.42 -24.86
CA PRO E 141 4.86 28.49 -26.29
C PRO E 141 4.02 27.52 -27.12
N MET F 9 38.95 32.12 -6.92
CA MET F 9 37.60 32.55 -7.29
C MET F 9 37.32 33.93 -6.68
N ARG F 10 36.78 34.84 -7.49
CA ARG F 10 36.63 36.23 -7.09
C ARG F 10 35.19 36.71 -6.87
N VAL F 11 34.93 37.24 -5.67
CA VAL F 11 33.68 37.93 -5.39
C VAL F 11 33.27 38.81 -6.56
N GLY F 12 31.99 38.74 -6.93
CA GLY F 12 31.47 39.55 -8.02
C GLY F 12 31.42 38.82 -9.35
N GLU F 13 32.18 37.74 -9.49
CA GLU F 13 32.22 37.02 -10.76
C GLU F 13 30.97 36.18 -10.97
N ARG F 14 30.50 36.14 -12.22
CA ARG F 14 29.18 35.61 -12.51
C ARG F 14 29.21 34.43 -13.48
N PHE F 15 28.18 33.58 -13.38
CA PHE F 15 27.97 32.51 -14.33
C PHE F 15 26.49 32.41 -14.64
N THR F 16 26.18 32.28 -15.90
CA THR F 16 24.80 32.14 -16.33
C THR F 16 24.67 30.89 -17.17
N HIS F 17 23.55 30.20 -17.01
CA HIS F 17 23.22 29.14 -17.96
C HIS F 17 21.71 29.01 -18.15
N ASP F 18 21.32 28.47 -19.29
CA ASP F 18 19.94 28.49 -19.73
C ASP F 18 19.42 27.09 -19.84
N PHE F 19 18.11 26.93 -19.64
CA PHE F 19 17.49 25.62 -19.60
C PHE F 19 16.03 25.67 -20.08
N VAL F 20 15.77 25.06 -21.22
CA VAL F 20 14.39 24.93 -21.70
C VAL F 20 13.68 23.92 -20.82
N VAL F 21 12.62 24.37 -20.14
CA VAL F 21 11.92 23.50 -19.21
C VAL F 21 11.19 22.41 -19.96
N PRO F 22 11.52 21.14 -19.64
CA PRO F 22 10.83 19.98 -20.23
C PRO F 22 9.59 19.60 -19.43
N PRO F 23 8.69 18.83 -20.03
CA PRO F 23 7.46 18.37 -19.35
C PRO F 23 7.78 17.60 -18.08
N HIS F 24 8.92 16.93 -18.04
CA HIS F 24 9.23 16.09 -16.90
C HIS F 24 9.95 16.84 -15.76
N LYS F 25 9.94 18.16 -15.82
CA LYS F 25 10.43 18.98 -14.71
C LYS F 25 9.30 19.69 -13.97
N THR F 26 8.09 19.16 -14.08
CA THR F 26 6.94 19.78 -13.41
C THR F 26 6.75 19.25 -11.99
N VAL F 27 5.86 19.89 -11.26
CA VAL F 27 5.64 19.60 -9.85
C VAL F 27 5.51 18.12 -9.57
N ARG F 28 4.54 17.47 -10.23
CA ARG F 28 4.26 16.06 -10.01
C ARG F 28 5.46 15.18 -10.33
N HIS F 29 6.36 15.67 -11.19
CA HIS F 29 7.54 14.89 -11.54
C HIS F 29 8.60 14.90 -10.46
N LEU F 30 8.56 15.82 -9.60
CA LEU F 30 9.50 15.96 -8.48
C LEU F 30 9.29 14.82 -7.51
N TYR F 31 7.96 14.59 -7.18
CA TYR F 31 7.56 13.47 -6.33
C TYR F 31 6.38 12.74 -6.94
N PRO F 32 6.67 11.77 -7.83
CA PRO F 32 5.60 10.92 -8.37
C PRO F 32 4.97 10.12 -7.24
N GLU F 33 5.67 10.05 -6.12
CA GLU F 33 5.20 9.31 -4.94
C GLU F 33 3.99 9.97 -4.29
N SER F 34 3.71 11.22 -4.68
CA SER F 34 2.72 12.03 -3.99
C SER F 34 1.38 12.15 -4.71
N PRO F 35 0.31 11.65 -4.08
CA PRO F 35 -1.03 11.84 -4.66
C PRO F 35 -1.42 13.30 -4.54
N GLU F 36 -1.01 13.92 -3.43
CA GLU F 36 -1.38 15.31 -3.16
C GLU F 36 -0.89 16.25 -4.25
N PHE F 37 0.10 15.80 -5.02
CA PHE F 37 0.68 16.60 -6.10
C PHE F 37 0.06 16.29 -7.46
N ALA F 38 -0.54 15.10 -7.57
CA ALA F 38 -1.07 14.62 -8.84
C ALA F 38 -1.92 15.66 -9.56
N GLU F 39 -2.52 16.56 -8.79
CA GLU F 39 -3.38 17.59 -9.36
C GLU F 39 -2.76 18.98 -9.26
N ALA F 40 -1.44 19.06 -9.40
CA ALA F 40 -0.78 20.36 -9.35
C ALA F 40 -0.62 20.93 -10.74
N PRO F 41 -0.53 22.26 -10.85
CA PRO F 41 -0.24 22.94 -12.12
C PRO F 41 0.99 22.34 -12.82
N GLU F 42 0.95 22.30 -14.14
CA GLU F 42 2.08 21.81 -14.92
C GLU F 42 3.12 22.92 -15.10
N VAL F 43 3.82 23.22 -14.02
CA VAL F 43 4.80 24.30 -14.00
C VAL F 43 6.12 23.82 -13.41
N PHE F 44 7.19 24.55 -13.71
CA PHE F 44 8.53 24.25 -13.22
C PHE F 44 8.52 24.22 -11.68
N ALA F 45 8.84 23.08 -11.08
CA ALA F 45 8.81 22.94 -9.62
C ALA F 45 9.94 23.70 -8.94
N THR F 46 9.65 24.22 -7.74
CA THR F 46 10.64 24.98 -6.97
C THR F 46 11.89 24.14 -6.72
N GLY F 47 11.68 22.88 -6.37
CA GLY F 47 12.79 21.98 -6.12
C GLY F 47 13.70 21.80 -7.33
N PHE F 48 13.12 21.85 -8.54
CA PHE F 48 13.90 21.77 -9.76
C PHE F 48 14.63 23.08 -10.08
N MET F 49 13.97 24.21 -9.80
CA MET F 49 14.62 25.50 -10.00
C MET F 49 15.81 25.59 -9.08
N VAL F 50 15.66 25.06 -7.86
CA VAL F 50 16.73 25.10 -6.88
C VAL F 50 17.91 24.27 -7.37
N GLY F 51 17.61 23.09 -7.89
CA GLY F 51 18.64 22.22 -8.41
C GLY F 51 19.34 22.83 -9.63
N LEU F 52 18.60 23.65 -10.37
CA LEU F 52 19.17 24.31 -11.55
C LEU F 52 20.15 25.42 -11.13
N MET F 53 19.80 26.10 -10.04
CA MET F 53 20.69 27.11 -9.45
C MET F 53 21.92 26.44 -8.85
N GLU F 54 21.74 25.29 -8.20
CA GLU F 54 22.89 24.57 -7.68
C GLU F 54 23.80 24.18 -8.83
N TRP F 55 23.18 23.73 -9.91
CA TRP F 55 23.90 23.30 -11.10
C TRP F 55 24.77 24.43 -11.61
N ALA F 56 24.19 25.64 -11.69
CA ALA F 56 24.94 26.80 -12.12
C ALA F 56 26.17 26.98 -11.26
N CYS F 57 25.98 26.93 -9.95
CA CYS F 57 27.06 27.19 -9.01
C CYS F 57 28.15 26.12 -9.07
N VAL F 58 27.75 24.86 -9.14
CA VAL F 58 28.71 23.76 -9.30
C VAL F 58 29.55 23.91 -10.58
N ARG F 59 28.93 24.40 -11.64
CA ARG F 59 29.64 24.57 -12.90
C ARG F 59 30.70 25.67 -12.78
N ALA F 60 30.35 26.78 -12.15
CA ALA F 60 31.26 27.91 -12.00
C ALA F 60 32.45 27.59 -11.09
N MET F 61 32.21 26.81 -10.02
CA MET F 61 33.25 26.38 -9.09
C MET F 61 34.21 25.35 -9.67
N ALA F 62 33.73 24.56 -10.63
CA ALA F 62 34.48 23.42 -11.13
C ALA F 62 35.95 23.70 -11.48
N PRO F 63 36.24 24.82 -12.17
CA PRO F 63 37.62 25.11 -12.56
C PRO F 63 38.55 25.35 -11.38
N TYR F 64 38.00 25.75 -10.24
CA TYR F 64 38.80 26.13 -9.08
C TYR F 64 38.96 25.01 -8.06
N LEU F 65 38.33 23.86 -8.32
CA LEU F 65 38.42 22.72 -7.39
C LEU F 65 39.57 21.79 -7.73
N GLU F 66 40.18 21.23 -6.68
CA GLU F 66 41.22 20.22 -6.85
C GLU F 66 40.52 18.94 -7.28
N PRO F 67 41.28 18.00 -7.86
CA PRO F 67 40.63 16.73 -8.22
C PRO F 67 40.21 16.02 -6.94
N GLY F 68 39.05 15.35 -6.98
CA GLY F 68 38.56 14.68 -5.80
C GLY F 68 37.80 15.60 -4.87
N GLU F 69 37.78 16.89 -5.21
CA GLU F 69 36.97 17.87 -4.46
C GLU F 69 35.61 18.04 -5.12
N GLY F 70 34.64 18.51 -4.33
CA GLY F 70 33.30 18.76 -4.84
C GLY F 70 32.60 19.74 -3.94
N SER F 71 31.26 19.67 -3.92
CA SER F 71 30.49 20.54 -3.05
C SER F 71 29.09 20.01 -2.78
N LEU F 72 28.48 20.49 -1.69
CA LEU F 72 27.11 20.12 -1.35
C LEU F 72 26.35 21.33 -0.83
N GLY F 73 25.12 21.51 -1.29
CA GLY F 73 24.32 22.65 -0.89
C GLY F 73 24.13 22.60 0.62
N THR F 74 24.23 23.76 1.27
CA THR F 74 24.08 23.82 2.71
C THR F 74 23.06 24.88 3.10
N ALA F 75 22.63 25.66 2.11
CA ALA F 75 21.59 26.65 2.33
C ALA F 75 20.97 27.14 1.02
N ILE F 76 19.67 27.36 1.04
CA ILE F 76 18.98 27.97 -0.09
C ILE F 76 17.90 28.91 0.44
N CYS F 77 17.88 30.12 -0.09
CA CYS F 77 16.88 31.09 0.30
C CYS F 77 16.48 31.94 -0.90
N VAL F 78 15.44 31.52 -1.60
CA VAL F 78 15.02 32.18 -2.83
C VAL F 78 13.50 32.29 -2.90
N THR F 79 13.02 33.35 -3.53
CA THR F 79 11.60 33.48 -3.82
C THR F 79 11.29 32.69 -5.08
N HIS F 80 10.01 32.49 -5.35
CA HIS F 80 9.55 31.87 -6.59
C HIS F 80 8.20 32.48 -6.92
N THR F 81 8.22 33.57 -7.71
CA THR F 81 7.07 34.45 -7.83
C THR F 81 6.34 34.45 -9.18
N ALA F 82 6.86 33.70 -10.14
CA ALA F 82 6.16 33.49 -11.41
C ALA F 82 6.31 32.02 -11.77
N ALA F 83 5.27 31.44 -12.38
CA ALA F 83 5.30 30.03 -12.72
C ALA F 83 5.67 29.84 -14.20
N THR F 84 6.37 28.76 -14.50
CA THR F 84 6.93 28.58 -15.84
C THR F 84 6.45 27.26 -16.42
N PRO F 85 5.72 27.32 -17.54
CA PRO F 85 5.27 26.07 -18.18
C PRO F 85 6.43 25.48 -18.97
N PRO F 86 6.32 24.21 -19.35
CA PRO F 86 7.33 23.63 -20.24
C PRO F 86 7.41 24.40 -21.57
N GLY F 87 8.61 24.52 -22.13
CA GLY F 87 8.78 25.19 -23.41
C GLY F 87 9.51 26.52 -23.29
N LEU F 88 9.42 27.23 -22.14
CA LEU F 88 10.07 28.52 -21.90
C LEU F 88 11.52 28.30 -21.53
N THR F 89 12.39 29.28 -21.80
CA THR F 89 13.79 29.12 -21.41
C THR F 89 14.09 29.72 -20.03
N VAL F 90 14.53 28.91 -19.07
CA VAL F 90 14.88 29.50 -17.77
C VAL F 90 16.34 29.87 -17.75
N THR F 91 16.62 31.16 -17.47
CA THR F 91 17.99 31.64 -17.37
C THR F 91 18.34 31.90 -15.91
N VAL F 92 19.36 31.22 -15.41
CA VAL F 92 19.84 31.42 -14.05
C VAL F 92 21.21 32.11 -14.05
N THR F 93 21.33 33.19 -13.28
CA THR F 93 22.62 33.82 -13.07
C THR F 93 23.10 33.60 -11.64
N ALA F 94 24.35 33.16 -11.49
CA ALA F 94 24.94 32.99 -10.18
C ALA F 94 26.12 33.93 -10.03
N GLU F 95 26.05 34.81 -9.02
CA GLU F 95 27.16 35.73 -8.74
C GLU F 95 27.76 35.41 -7.37
N LEU F 96 29.07 35.19 -7.34
CA LEU F 96 29.77 34.90 -6.10
C LEU F 96 29.78 36.12 -5.18
N ARG F 97 29.08 35.99 -4.05
CA ARG F 97 29.00 37.09 -3.08
C ARG F 97 30.13 37.03 -2.06
N SER F 98 30.48 35.81 -1.65
CA SER F 98 31.53 35.62 -0.66
C SER F 98 32.05 34.20 -0.66
N VAL F 99 33.33 34.08 -0.32
CA VAL F 99 33.88 32.81 0.09
C VAL F 99 34.18 33.05 1.57
N GLU F 100 34.20 31.99 2.37
CA GLU F 100 34.47 32.10 3.80
C GLU F 100 34.90 30.73 4.31
N GLY F 101 36.20 30.45 4.18
CA GLY F 101 36.73 29.13 4.43
C GLY F 101 36.33 28.25 3.27
N ARG F 102 35.59 27.18 3.58
CA ARG F 102 35.04 26.30 2.55
C ARG F 102 33.59 26.65 2.25
N ARG F 103 33.12 27.77 2.81
CA ARG F 103 31.76 28.23 2.63
C ARG F 103 31.65 29.24 1.50
N LEU F 104 31.05 28.83 0.39
CA LEU F 104 30.78 29.76 -0.70
C LEU F 104 29.34 30.26 -0.67
N SER F 105 29.17 31.56 -0.82
CA SER F 105 27.85 32.15 -0.87
C SER F 105 27.62 32.80 -2.23
N TRP F 106 26.51 32.46 -2.87
CA TRP F 106 26.18 33.05 -4.16
C TRP F 106 24.87 33.82 -4.07
N ARG F 107 24.77 34.90 -4.82
CA ARG F 107 23.48 35.51 -5.10
C ARG F 107 22.96 34.87 -6.39
N VAL F 108 21.71 34.42 -6.37
CA VAL F 108 21.14 33.73 -7.51
C VAL F 108 19.84 34.38 -7.97
N SER F 109 19.59 34.34 -9.27
CA SER F 109 18.37 34.91 -9.84
C SER F 109 17.99 34.20 -11.14
N ALA F 110 16.70 34.16 -11.43
CA ALA F 110 16.22 33.42 -12.61
C ALA F 110 15.07 34.14 -13.32
N HIS F 111 14.98 33.88 -14.62
CA HIS F 111 14.06 34.54 -15.53
C HIS F 111 13.66 33.49 -16.57
N ASP F 112 12.39 33.49 -17.00
CA ASP F 112 11.99 32.51 -18.01
C ASP F 112 11.72 33.15 -19.37
N GLY F 113 12.26 34.34 -19.59
CA GLY F 113 12.03 35.07 -20.81
C GLY F 113 10.80 35.97 -20.75
N VAL F 114 9.86 35.64 -19.88
CA VAL F 114 8.63 36.42 -19.75
C VAL F 114 8.62 37.20 -18.43
N ASP F 115 8.80 36.48 -17.33
CA ASP F 115 8.83 37.10 -16.01
C ASP F 115 10.12 36.70 -15.31
N GLU F 116 10.56 37.52 -14.36
CA GLU F 116 11.54 37.05 -13.39
C GLU F 116 10.77 36.06 -12.52
N ILE F 117 11.40 34.94 -12.18
CA ILE F 117 10.68 33.88 -11.48
C ILE F 117 11.22 33.61 -10.08
N GLY F 118 12.41 34.12 -9.79
CA GLY F 118 13.01 33.93 -8.48
C GLY F 118 14.35 34.60 -8.29
N SER F 119 14.67 34.89 -7.04
CA SER F 119 15.98 35.44 -6.69
C SER F 119 16.25 35.27 -5.20
N GLY F 120 17.52 35.32 -4.83
CA GLY F 120 17.91 35.15 -3.45
C GLY F 120 19.34 34.68 -3.36
N THR F 121 19.63 33.86 -2.36
CA THR F 121 20.99 33.37 -2.16
C THR F 121 21.02 31.86 -2.09
N HIS F 122 22.21 31.32 -2.32
CA HIS F 122 22.46 29.89 -2.19
C HIS F 122 23.86 29.70 -1.62
N GLU F 123 23.97 28.81 -0.65
CA GLU F 123 25.24 28.55 0.00
C GLU F 123 25.73 27.13 -0.26
N ARG F 124 27.03 26.98 -0.47
CA ARG F 124 27.63 25.67 -0.69
C ARG F 124 28.84 25.44 0.19
N ALA F 125 29.17 24.17 0.40
CA ALA F 125 30.39 23.80 1.12
C ALA F 125 31.28 22.93 0.26
N VAL F 126 32.53 23.33 0.11
CA VAL F 126 33.50 22.53 -0.60
C VAL F 126 33.83 21.29 0.21
N ILE F 127 33.81 20.13 -0.44
CA ILE F 127 34.12 18.89 0.24
C ILE F 127 35.15 18.05 -0.50
N HIS F 128 35.79 17.17 0.25
CA HIS F 128 36.66 16.14 -0.29
C HIS F 128 35.76 14.94 -0.50
N LEU F 129 35.59 14.51 -1.76
CA LEU F 129 34.59 13.50 -2.08
C LEU F 129 34.77 12.21 -1.31
N GLU F 130 35.97 11.62 -1.40
CA GLU F 130 36.19 10.32 -0.78
C GLU F 130 35.99 10.37 0.74
N LYS F 131 36.57 11.38 1.39
CA LYS F 131 36.42 11.51 2.84
C LYS F 131 34.97 11.62 3.24
N PHE F 132 34.23 12.51 2.58
CA PHE F 132 32.84 12.72 2.92
C PHE F 132 31.99 11.46 2.68
N ASN F 133 32.27 10.75 1.58
CA ASN F 133 31.59 9.49 1.31
C ASN F 133 31.79 8.50 2.45
N ALA F 134 33.02 8.39 2.93
CA ALA F 134 33.29 7.55 4.09
C ALA F 134 32.40 7.95 5.26
N LYS F 135 32.29 9.25 5.47
CA LYS F 135 31.46 9.79 6.54
C LYS F 135 30.01 9.34 6.37
N VAL F 136 29.49 9.48 5.15
CA VAL F 136 28.11 9.09 4.87
C VAL F 136 27.88 7.61 5.17
N ARG F 137 28.86 6.78 4.83
CA ARG F 137 28.76 5.35 5.07
C ARG F 137 28.66 5.03 6.55
N GLN F 138 29.33 5.82 7.38
CA GLN F 138 29.22 5.66 8.83
C GLN F 138 27.78 5.86 9.30
N LYS F 139 27.00 6.60 8.52
CA LYS F 139 25.62 6.94 8.89
C LYS F 139 24.57 6.08 8.20
N THR F 140 24.98 5.23 7.26
CA THR F 140 24.04 4.44 6.46
C THR F 140 23.60 3.14 7.18
N PRO F 141 22.29 2.88 7.21
CA PRO F 141 21.72 1.71 7.91
C PRO F 141 22.36 0.40 7.47
C FAH G . -14.15 -19.37 -12.08
F FAH G . -15.94 -20.83 -10.94
O FAH G . -13.50 -20.38 -12.40
CH3 FAH G . -15.44 -19.56 -11.20
OXT FAH G . -13.83 -18.21 -12.42
N8P COA H . -20.88 -10.91 -14.43
C7P COA H . -19.75 -10.88 -13.48
C6P COA H . -18.59 -11.73 -14.00
C5P COA H . -17.27 -11.08 -13.71
O5P COA H . -17.21 -9.90 -13.37
N4P COA H . -16.18 -11.84 -13.76
C3P COA H . -16.16 -13.24 -14.13
C2P COA H . -14.78 -13.76 -13.88
S1P COA H . -14.67 -15.51 -14.20
C FAH I . -13.53 3.94 8.70
F FAH I . -12.54 5.74 7.30
O FAH I . -12.98 4.23 9.79
CH3 FAH I . -13.66 5.03 7.61
OXT FAH I . -14.07 2.85 8.46
N8P COA J . -23.99 2.30 5.45
C7P COA J . -22.75 1.52 5.33
C6P COA J . -21.65 2.20 6.14
C5P COA J . -20.41 1.30 6.26
O5P COA J . -20.26 0.33 5.50
N4P COA J . -19.55 1.63 7.21
C3P COA J . -19.78 2.78 8.08
C2P COA J . -18.58 2.96 9.02
S1P COA J . -16.99 3.04 8.13
#